data_1MXH
#
_entry.id   1MXH
#
_cell.length_a   74.610
_cell.length_b   74.610
_cell.length_c   181.260
_cell.angle_alpha   90.00
_cell.angle_beta   90.00
_cell.angle_gamma   120.00
#
_symmetry.space_group_name_H-M   'P 31'
#
loop_
_entity.id
_entity.type
_entity.pdbx_description
1 polymer 'PTERIDINE REDUCTASE 2'
2 non-polymer 'NADP NICOTINAMIDE-ADENINE-DINUCLEOTIDE PHOSPHATE'
3 non-polymer 'DIHYDROFOLIC ACID'
4 water water
#
_entity_poly.entity_id   1
_entity_poly.type   'polypeptide(L)'
_entity_poly.pdbx_seq_one_letter_code
;MNETSHEASECPAAVITGGARRIGHSIAVRLHQQGFRVVVHYRHSEGAAQRLVAELNAARAGSAVLCKGDLSLSSSLLDC
CEDIIDCSFRAFGRCDVLVNNASAYYPTPLLPGDDTNGAADAKPIDAQVAELFGSNAVAPLFLIRAFARRQGEGGAWRSR
NLSVVNLCDAMTDLPLPGFCVYTMAKHALGGLTRAAALELAPRHIRVNAVAPGLSLLPPAMPQETQEEYRRKVPLGQSEA
SAAQIADAIAFLVSKDAGYITGTTLKVDGGLILARA
;
_entity_poly.pdbx_strand_id   A,B,C,D
#
loop_
_chem_comp.id
_chem_comp.type
_chem_comp.name
_chem_comp.formula
DHF non-polymer 'DIHYDROFOLIC ACID' 'C19 H21 N7 O6'
NAP non-polymer 'NADP NICOTINAMIDE-ADENINE-DINUCLEOTIDE PHOSPHATE' 'C21 H28 N7 O17 P3'
#
# COMPACT_ATOMS: atom_id res chain seq x y z
N CYS A 11 -8.44 -32.25 20.47
CA CYS A 11 -7.18 -31.59 20.01
C CYS A 11 -7.26 -31.25 18.52
N PRO A 12 -6.94 -29.99 18.18
CA PRO A 12 -6.95 -29.49 16.80
C PRO A 12 -5.83 -30.04 15.92
N ALA A 13 -6.12 -30.15 14.62
CA ALA A 13 -5.16 -30.64 13.63
C ALA A 13 -4.75 -29.53 12.65
N ALA A 14 -3.49 -29.58 12.24
CA ALA A 14 -2.96 -28.57 11.32
C ALA A 14 -2.18 -29.21 10.19
N VAL A 15 -2.34 -28.67 8.99
CA VAL A 15 -1.62 -29.14 7.82
C VAL A 15 -0.56 -28.10 7.46
N ILE A 16 0.70 -28.53 7.40
CA ILE A 16 1.81 -27.64 7.06
C ILE A 16 2.44 -28.10 5.74
N THR A 17 2.24 -27.36 4.65
CA THR A 17 2.85 -27.76 3.38
C THR A 17 4.36 -27.47 3.44
N GLY A 18 5.16 -28.32 2.82
CA GLY A 18 6.61 -28.14 2.84
C GLY A 18 7.17 -28.05 4.26
N GLY A 19 6.65 -28.89 5.17
CA GLY A 19 7.09 -28.83 6.55
C GLY A 19 8.28 -29.68 6.96
N ALA A 20 8.85 -30.38 5.99
CA ALA A 20 9.98 -31.27 6.25
C ALA A 20 11.22 -30.58 6.78
N ARG A 21 11.54 -29.40 6.27
CA ARG A 21 12.73 -28.68 6.73
C ARG A 21 12.54 -27.18 6.86
N ARG A 22 13.56 -26.53 7.41
CA ARG A 22 13.60 -25.08 7.59
C ARG A 22 12.40 -24.43 8.29
N ILE A 23 11.89 -23.34 7.73
CA ILE A 23 10.76 -22.63 8.34
C ILE A 23 9.56 -23.55 8.56
N GLY A 24 9.14 -24.25 7.51
CA GLY A 24 8.01 -25.16 7.62
C GLY A 24 8.16 -26.18 8.74
N HIS A 25 9.39 -26.65 8.93
CA HIS A 25 9.69 -27.62 9.97
C HIS A 25 9.51 -26.98 11.35
N SER A 26 9.96 -25.72 11.47
CA SER A 26 9.85 -25.00 12.73
C SER A 26 8.42 -24.67 13.10
N ILE A 27 7.58 -24.43 12.09
CA ILE A 27 6.17 -24.13 12.32
C ILE A 27 5.51 -25.42 12.82
N ALA A 28 5.74 -26.51 12.07
CA ALA A 28 5.20 -27.81 12.41
C ALA A 28 5.47 -28.12 13.87
N VAL A 29 6.72 -27.99 14.29
CA VAL A 29 7.11 -28.26 15.67
C VAL A 29 6.45 -27.29 16.65
N ARG A 30 6.43 -26.02 16.28
CA ARG A 30 5.84 -25.01 17.14
C ARG A 30 4.37 -25.29 17.39
N LEU A 31 3.61 -25.60 16.35
CA LEU A 31 2.19 -25.89 16.51
C LEU A 31 1.99 -27.19 17.28
N HIS A 32 2.88 -28.14 17.04
CA HIS A 32 2.78 -29.42 17.75
C HIS A 32 3.00 -29.15 19.25
N GLN A 33 3.99 -28.31 19.56
CA GLN A 33 4.28 -28.00 20.95
C GLN A 33 3.10 -27.29 21.62
N GLN A 34 2.23 -26.69 20.81
CA GLN A 34 1.08 -26.00 21.38
C GLN A 34 -0.15 -26.90 21.46
N GLY A 35 0.02 -28.18 21.15
CA GLY A 35 -1.09 -29.11 21.24
C GLY A 35 -1.73 -29.52 19.93
N PHE A 36 -1.18 -29.06 18.81
CA PHE A 36 -1.74 -29.41 17.51
C PHE A 36 -1.27 -30.77 17.01
N ARG A 37 -2.17 -31.49 16.35
CA ARG A 37 -1.83 -32.71 15.71
C ARG A 37 -1.49 -32.30 14.33
N VAL A 38 -0.33 -32.69 13.82
CA VAL A 38 0.08 -32.20 12.51
C VAL A 38 0.26 -33.16 11.34
N VAL A 39 0.06 -32.61 10.15
CA VAL A 39 0.23 -33.34 8.90
C VAL A 39 1.43 -32.70 8.22
N VAL A 40 2.59 -33.34 8.32
CA VAL A 40 3.79 -32.81 7.70
C VAL A 40 3.79 -33.17 6.21
N HIS A 41 3.56 -32.18 5.37
CA HIS A 41 3.57 -32.43 3.93
C HIS A 41 4.92 -32.08 3.33
N TYR A 42 5.31 -32.85 2.32
CA TYR A 42 6.59 -32.66 1.63
C TYR A 42 6.45 -33.07 0.17
N ARG A 43 7.51 -32.88 -0.59
CA ARG A 43 7.51 -33.26 -1.99
C ARG A 43 8.68 -34.19 -2.29
N HIS A 44 9.87 -33.76 -1.88
CA HIS A 44 11.09 -34.52 -2.11
C HIS A 44 11.89 -34.86 -0.85
N SER A 45 11.64 -34.17 0.27
CA SER A 45 12.39 -34.45 1.50
C SER A 45 11.72 -35.45 2.40
N GLU A 46 11.45 -36.62 1.85
CA GLU A 46 10.80 -37.70 2.56
C GLU A 46 11.56 -38.04 3.85
N GLY A 47 12.89 -38.18 3.73
CA GLY A 47 13.68 -38.51 4.90
C GLY A 47 13.57 -37.50 6.03
N ALA A 48 13.64 -36.21 5.71
CA ALA A 48 13.53 -35.18 6.74
C ALA A 48 12.12 -35.22 7.34
N ALA A 49 11.13 -35.41 6.48
CA ALA A 49 9.74 -35.50 6.89
C ALA A 49 9.54 -36.63 7.89
N GLN A 50 10.05 -37.82 7.53
CA GLN A 50 9.94 -39.00 8.38
C GLN A 50 10.63 -38.82 9.72
N ARG A 51 11.79 -38.19 9.72
CA ARG A 51 12.53 -37.95 10.96
C ARG A 51 11.74 -37.03 11.88
N LEU A 52 10.96 -36.12 11.29
CA LEU A 52 10.16 -35.19 12.05
C LEU A 52 8.92 -35.86 12.60
N VAL A 53 8.15 -36.48 11.72
CA VAL A 53 6.92 -37.17 12.11
C VAL A 53 7.24 -38.20 13.19
N ALA A 54 8.42 -38.80 13.09
CA ALA A 54 8.86 -39.80 14.04
C ALA A 54 9.11 -39.16 15.40
N GLU A 55 9.82 -38.02 15.38
CA GLU A 55 10.14 -37.30 16.60
C GLU A 55 8.89 -36.82 17.34
N LEU A 56 7.93 -36.31 16.58
CA LEU A 56 6.69 -35.79 17.16
C LEU A 56 5.86 -36.90 17.81
N ASN A 57 5.71 -38.01 17.11
CA ASN A 57 4.94 -39.14 17.62
C ASN A 57 5.61 -39.75 18.84
N ALA A 58 6.91 -39.50 19.01
CA ALA A 58 7.65 -40.04 20.15
C ALA A 58 7.33 -39.22 21.39
N ALA A 59 6.87 -38.00 21.19
CA ALA A 59 6.51 -37.12 22.30
C ALA A 59 5.02 -37.28 22.61
N ARG A 60 4.26 -37.70 21.60
CA ARG A 60 2.82 -37.91 21.73
C ARG A 60 2.36 -38.86 20.63
N ALA A 61 2.00 -40.07 21.04
CA ALA A 61 1.57 -41.10 20.10
C ALA A 61 0.44 -40.65 19.15
N GLY A 62 0.61 -40.95 17.87
CA GLY A 62 -0.39 -40.61 16.87
C GLY A 62 -0.67 -39.12 16.70
N SER A 63 0.31 -38.27 17.01
CA SER A 63 0.10 -36.83 16.87
C SER A 63 0.68 -36.25 15.58
N ALA A 64 1.19 -37.10 14.70
CA ALA A 64 1.76 -36.63 13.44
C ALA A 64 1.77 -37.68 12.35
N VAL A 65 1.46 -37.25 11.13
CA VAL A 65 1.44 -38.12 9.96
C VAL A 65 2.07 -37.30 8.85
N LEU A 66 2.66 -37.95 7.87
CA LEU A 66 3.26 -37.20 6.76
C LEU A 66 2.40 -37.38 5.52
N CYS A 67 2.56 -36.50 4.55
CA CYS A 67 1.79 -36.53 3.32
C CYS A 67 2.61 -35.98 2.15
N LYS A 68 2.66 -36.72 1.05
CA LYS A 68 3.44 -36.32 -0.12
C LYS A 68 2.58 -35.83 -1.27
N GLY A 69 3.07 -34.82 -1.99
CA GLY A 69 2.32 -34.29 -3.12
C GLY A 69 3.02 -33.14 -3.81
N ASP A 70 2.93 -33.10 -5.13
CA ASP A 70 3.53 -32.02 -5.90
C ASP A 70 2.48 -30.92 -6.06
N LEU A 71 2.86 -29.68 -5.77
CA LEU A 71 1.92 -28.57 -5.86
C LEU A 71 2.01 -27.73 -7.13
N SER A 72 2.82 -28.18 -8.08
CA SER A 72 2.96 -27.46 -9.34
C SER A 72 1.68 -27.58 -10.14
N LEU A 73 1.49 -26.69 -11.11
CA LEU A 73 0.28 -26.74 -11.92
C LEU A 73 0.29 -28.00 -12.78
N SER A 74 -0.85 -28.69 -12.81
CA SER A 74 -0.98 -29.90 -13.61
C SER A 74 -2.43 -30.35 -13.54
N SER A 75 -2.78 -31.34 -14.35
CA SER A 75 -4.14 -31.85 -14.37
C SER A 75 -4.49 -32.59 -13.07
N SER A 76 -3.44 -32.93 -12.30
CA SER A 76 -3.61 -33.65 -11.04
C SER A 76 -3.57 -32.80 -9.78
N LEU A 77 -3.28 -31.51 -9.93
CA LEU A 77 -3.17 -30.59 -8.79
C LEU A 77 -4.42 -30.48 -7.92
N LEU A 78 -5.57 -30.26 -8.56
CA LEU A 78 -6.83 -30.14 -7.84
C LEU A 78 -7.08 -31.34 -6.92
N ASP A 79 -6.90 -32.55 -7.45
CA ASP A 79 -7.10 -33.76 -6.65
C ASP A 79 -6.04 -33.92 -5.57
N CYS A 80 -4.79 -33.62 -5.91
CA CYS A 80 -3.69 -33.73 -4.95
C CYS A 80 -3.95 -32.81 -3.75
N CYS A 81 -4.39 -31.59 -4.00
CA CYS A 81 -4.67 -30.69 -2.90
C CYS A 81 -5.81 -31.24 -2.05
N GLU A 82 -6.79 -31.83 -2.72
CA GLU A 82 -7.93 -32.42 -2.03
C GLU A 82 -7.46 -33.52 -1.10
N ASP A 83 -6.53 -34.35 -1.57
CA ASP A 83 -6.01 -35.45 -0.79
C ASP A 83 -5.17 -34.99 0.40
N ILE A 84 -4.46 -33.88 0.25
CA ILE A 84 -3.64 -33.35 1.32
C ILE A 84 -4.53 -32.94 2.49
N ILE A 85 -5.65 -32.29 2.18
CA ILE A 85 -6.59 -31.87 3.20
C ILE A 85 -7.29 -33.13 3.71
N ASP A 86 -7.69 -33.98 2.79
CA ASP A 86 -8.37 -35.23 3.14
C ASP A 86 -7.48 -36.07 4.06
N CYS A 87 -6.16 -35.81 4.01
CA CYS A 87 -5.20 -36.54 4.83
C CYS A 87 -5.35 -36.17 6.31
N SER A 88 -5.63 -34.90 6.58
CA SER A 88 -5.79 -34.45 7.97
C SER A 88 -7.02 -35.14 8.58
N PHE A 89 -8.10 -35.20 7.81
CA PHE A 89 -9.35 -35.80 8.24
C PHE A 89 -9.28 -37.32 8.45
N ARG A 90 -8.44 -37.99 7.67
CA ARG A 90 -8.29 -39.44 7.80
C ARG A 90 -7.49 -39.78 9.05
N ALA A 91 -6.45 -39.00 9.31
CA ALA A 91 -5.60 -39.24 10.46
C ALA A 91 -6.17 -38.72 11.77
N PHE A 92 -6.77 -37.53 11.72
CA PHE A 92 -7.29 -36.92 12.94
C PHE A 92 -8.79 -36.66 12.95
N GLY A 93 -9.46 -36.92 11.83
CA GLY A 93 -10.90 -36.68 11.78
C GLY A 93 -11.28 -35.21 11.78
N ARG A 94 -10.31 -34.33 11.54
CA ARG A 94 -10.56 -32.89 11.51
C ARG A 94 -9.34 -32.13 10.96
N CYS A 95 -9.56 -30.87 10.59
CA CYS A 95 -8.50 -30.00 10.09
C CYS A 95 -8.88 -28.58 10.50
N ASP A 96 -8.18 -28.06 11.50
CA ASP A 96 -8.46 -26.72 12.01
C ASP A 96 -7.54 -25.64 11.45
N VAL A 97 -6.29 -25.99 11.13
CA VAL A 97 -5.33 -25.02 10.63
C VAL A 97 -4.60 -25.44 9.36
N LEU A 98 -4.49 -24.52 8.42
CA LEU A 98 -3.78 -24.75 7.16
C LEU A 98 -2.70 -23.69 7.04
N VAL A 99 -1.45 -24.13 6.88
CA VAL A 99 -0.31 -23.22 6.74
C VAL A 99 0.30 -23.43 5.36
N ASN A 100 0.08 -22.48 4.44
CA ASN A 100 0.61 -22.59 3.09
C ASN A 100 2.05 -22.09 3.04
N ASN A 101 2.97 -23.00 3.32
CA ASN A 101 4.37 -22.68 3.35
C ASN A 101 5.22 -23.21 2.19
N ALA A 102 4.80 -24.33 1.58
CA ALA A 102 5.55 -24.89 0.45
C ALA A 102 5.67 -23.81 -0.64
N SER A 103 6.86 -23.66 -1.21
CA SER A 103 7.07 -22.62 -2.23
C SER A 103 8.30 -22.88 -3.10
N ALA A 104 8.14 -22.70 -4.40
CA ALA A 104 9.24 -22.87 -5.35
C ALA A 104 9.85 -21.48 -5.53
N TYR A 105 11.18 -21.40 -5.50
CA TYR A 105 11.85 -20.11 -5.61
C TYR A 105 13.16 -20.12 -6.42
N TYR A 106 13.11 -19.53 -7.61
CA TYR A 106 14.29 -19.45 -8.46
C TYR A 106 14.07 -18.43 -9.58
N PRO A 107 15.15 -17.94 -10.19
CA PRO A 107 15.02 -16.96 -11.27
C PRO A 107 14.31 -17.37 -12.55
N THR A 108 13.79 -16.38 -13.25
CA THR A 108 13.11 -16.55 -14.53
C THR A 108 13.29 -15.22 -15.28
N PRO A 109 14.55 -14.86 -15.60
CA PRO A 109 14.85 -13.62 -16.31
C PRO A 109 14.09 -13.43 -17.60
N LEU A 110 13.58 -12.21 -17.79
CA LEU A 110 12.82 -11.86 -18.98
C LEU A 110 13.68 -11.96 -20.23
N LEU A 111 14.94 -11.53 -20.12
CA LEU A 111 15.86 -11.60 -21.26
C LEU A 111 16.89 -12.70 -21.02
N PRO A 112 17.30 -13.40 -22.10
CA PRO A 112 18.28 -14.49 -22.03
C PRO A 112 19.45 -14.20 -21.08
N PRO A 124 12.58 -24.82 -18.87
CA PRO A 124 11.56 -24.25 -19.76
C PRO A 124 10.61 -23.33 -18.99
N ILE A 125 10.33 -22.17 -19.58
CA ILE A 125 9.49 -21.15 -18.96
C ILE A 125 8.13 -21.59 -18.42
N ASP A 126 7.23 -22.05 -19.29
CA ASP A 126 5.90 -22.47 -18.84
C ASP A 126 5.92 -23.59 -17.79
N ALA A 127 7.05 -24.26 -17.65
CA ALA A 127 7.18 -25.32 -16.65
C ALA A 127 7.56 -24.62 -15.36
N GLN A 128 8.23 -23.49 -15.49
CA GLN A 128 8.64 -22.70 -14.34
C GLN A 128 7.39 -22.03 -13.81
N VAL A 129 6.52 -21.62 -14.73
CA VAL A 129 5.27 -20.98 -14.38
C VAL A 129 4.41 -21.98 -13.61
N ALA A 130 4.33 -23.21 -14.13
CA ALA A 130 3.55 -24.27 -13.50
C ALA A 130 4.00 -24.49 -12.06
N GLU A 131 5.32 -24.59 -11.86
CA GLU A 131 5.86 -24.82 -10.53
C GLU A 131 5.80 -23.62 -9.59
N LEU A 132 6.24 -22.46 -10.06
CA LEU A 132 6.24 -21.25 -9.25
C LEU A 132 4.84 -20.76 -8.91
N PHE A 133 3.95 -20.77 -9.90
CA PHE A 133 2.58 -20.34 -9.68
C PHE A 133 1.77 -21.40 -8.95
N GLY A 134 2.07 -22.66 -9.24
CA GLY A 134 1.38 -23.75 -8.58
C GLY A 134 1.60 -23.74 -7.08
N SER A 135 2.86 -23.93 -6.67
CA SER A 135 3.22 -23.98 -5.26
C SER A 135 2.92 -22.70 -4.47
N ASN A 136 3.21 -21.56 -5.08
CA ASN A 136 3.01 -20.27 -4.41
C ASN A 136 1.58 -19.70 -4.44
N ALA A 137 0.81 -20.02 -5.45
CA ALA A 137 -0.51 -19.42 -5.51
C ALA A 137 -1.71 -20.34 -5.70
N VAL A 138 -1.67 -21.12 -6.78
CA VAL A 138 -2.77 -22.01 -7.10
C VAL A 138 -3.02 -23.15 -6.12
N ALA A 139 -1.95 -23.80 -5.64
CA ALA A 139 -2.10 -24.89 -4.68
C ALA A 139 -2.75 -24.29 -3.42
N PRO A 140 -2.25 -23.14 -2.94
CA PRO A 140 -2.88 -22.53 -1.75
C PRO A 140 -4.36 -22.25 -1.98
N LEU A 141 -4.73 -21.80 -3.18
CA LEU A 141 -6.14 -21.56 -3.49
C LEU A 141 -6.96 -22.88 -3.39
N PHE A 142 -6.47 -23.94 -4.04
CA PHE A 142 -7.20 -25.22 -4.00
C PHE A 142 -7.25 -25.80 -2.59
N LEU A 143 -6.16 -25.65 -1.84
CA LEU A 143 -6.11 -26.15 -0.47
C LEU A 143 -7.09 -25.41 0.44
N ILE A 144 -7.17 -24.09 0.31
CA ILE A 144 -8.10 -23.31 1.15
C ILE A 144 -9.51 -23.72 0.76
N ARG A 145 -9.74 -23.84 -0.54
CA ARG A 145 -11.03 -24.23 -1.08
C ARG A 145 -11.48 -25.55 -0.45
N ALA A 146 -10.61 -26.57 -0.52
CA ALA A 146 -10.93 -27.88 0.05
C ALA A 146 -11.09 -27.80 1.56
N PHE A 147 -10.21 -27.06 2.22
CA PHE A 147 -10.26 -26.90 3.67
C PHE A 147 -11.59 -26.28 4.11
N ALA A 148 -12.03 -25.26 3.40
CA ALA A 148 -13.30 -24.58 3.73
C ALA A 148 -14.51 -25.45 3.44
N ARG A 149 -14.48 -26.17 2.31
CA ARG A 149 -15.61 -26.99 1.96
C ARG A 149 -15.79 -28.18 2.89
N ARG A 150 -14.72 -28.61 3.55
CA ARG A 150 -14.80 -29.75 4.45
C ARG A 150 -15.06 -29.39 5.91
N GLN A 151 -15.54 -28.19 6.17
CA GLN A 151 -15.81 -27.78 7.55
C GLN A 151 -17.30 -27.90 7.88
N SER A 159 -17.97 -23.95 18.88
CA SER A 159 -17.09 -23.82 17.72
C SER A 159 -15.63 -23.96 18.11
N ARG A 160 -14.77 -23.79 17.12
CA ARG A 160 -13.33 -23.89 17.31
C ARG A 160 -12.66 -22.59 16.86
N ASN A 161 -11.41 -22.73 16.41
CA ASN A 161 -10.64 -21.58 15.93
C ASN A 161 -10.02 -21.96 14.60
N LEU A 162 -10.82 -21.87 13.54
CA LEU A 162 -10.38 -22.22 12.19
C LEU A 162 -9.64 -21.06 11.50
N SER A 163 -8.42 -21.32 11.02
CA SER A 163 -7.66 -20.29 10.33
C SER A 163 -6.64 -20.85 9.34
N VAL A 164 -6.24 -19.98 8.43
CA VAL A 164 -5.27 -20.26 7.38
C VAL A 164 -4.17 -19.21 7.45
N VAL A 165 -2.92 -19.64 7.32
CA VAL A 165 -1.80 -18.73 7.33
C VAL A 165 -0.94 -18.96 6.11
N ASN A 166 -0.89 -17.95 5.23
CA ASN A 166 -0.09 -18.05 4.02
C ASN A 166 1.31 -17.45 4.27
N LEU A 167 2.34 -18.12 3.74
CA LEU A 167 3.70 -17.61 3.89
C LEU A 167 4.01 -16.69 2.71
N CYS A 168 4.11 -15.39 2.99
CA CYS A 168 4.40 -14.42 1.95
C CYS A 168 5.86 -14.03 1.89
N ASP A 169 6.13 -12.90 1.25
CA ASP A 169 7.48 -12.38 1.09
C ASP A 169 7.42 -10.83 1.19
N ALA A 170 7.97 -10.30 2.28
CA ALA A 170 7.95 -8.86 2.51
C ALA A 170 8.64 -8.02 1.42
N MET A 171 9.61 -8.60 0.72
CA MET A 171 10.35 -7.87 -0.29
C MET A 171 9.78 -7.90 -1.72
N THR A 172 8.66 -8.57 -1.90
CA THR A 172 8.07 -8.67 -3.23
C THR A 172 7.62 -7.32 -3.77
N ASP A 173 7.67 -6.29 -2.92
CA ASP A 173 7.31 -4.93 -3.31
C ASP A 173 8.50 -4.33 -4.03
N LEU A 174 9.68 -4.82 -3.66
CA LEU A 174 10.92 -4.41 -4.28
C LEU A 174 11.36 -5.66 -5.04
N PRO A 175 10.68 -5.96 -6.15
CA PRO A 175 10.96 -7.14 -6.99
C PRO A 175 12.44 -7.41 -7.19
N LEU A 176 12.89 -8.59 -6.76
CA LEU A 176 14.27 -8.98 -6.94
C LEU A 176 14.47 -9.20 -8.44
N PRO A 177 15.42 -8.46 -9.05
CA PRO A 177 15.71 -8.58 -10.48
C PRO A 177 15.86 -10.02 -10.99
N GLY A 178 15.06 -10.40 -11.98
CA GLY A 178 15.15 -11.74 -12.52
C GLY A 178 14.27 -12.81 -11.88
N PHE A 179 13.34 -12.41 -10.99
CA PHE A 179 12.44 -13.36 -10.33
C PHE A 179 11.00 -12.97 -10.58
N CYS A 180 10.76 -12.48 -11.79
CA CYS A 180 9.44 -12.03 -12.19
C CYS A 180 8.29 -12.97 -11.91
N VAL A 181 8.44 -14.24 -12.29
CA VAL A 181 7.37 -15.22 -12.09
C VAL A 181 7.11 -15.48 -10.61
N TYR A 182 8.18 -15.65 -9.83
CA TYR A 182 8.04 -15.85 -8.40
C TYR A 182 7.30 -14.69 -7.76
N THR A 183 7.72 -13.46 -8.11
CA THR A 183 7.10 -12.25 -7.57
C THR A 183 5.61 -12.20 -7.90
N MET A 184 5.27 -12.47 -9.16
CA MET A 184 3.88 -12.47 -9.59
C MET A 184 3.09 -13.47 -8.75
N ALA A 185 3.70 -14.63 -8.53
CA ALA A 185 3.07 -15.69 -7.76
C ALA A 185 2.80 -15.27 -6.32
N LYS A 186 3.78 -14.66 -5.67
CA LYS A 186 3.60 -14.22 -4.29
C LYS A 186 2.55 -13.10 -4.19
N HIS A 187 2.45 -12.27 -5.23
CA HIS A 187 1.45 -11.21 -5.21
C HIS A 187 0.08 -11.86 -5.29
N ALA A 188 -0.02 -12.91 -6.12
CA ALA A 188 -1.27 -13.62 -6.28
C ALA A 188 -1.70 -14.21 -4.93
N LEU A 189 -0.71 -14.71 -4.19
CA LEU A 189 -0.97 -15.27 -2.88
C LEU A 189 -1.47 -14.19 -1.92
N GLY A 190 -0.97 -12.96 -2.07
CA GLY A 190 -1.42 -11.87 -1.22
C GLY A 190 -2.88 -11.57 -1.55
N GLY A 191 -3.18 -11.54 -2.85
CA GLY A 191 -4.54 -11.29 -3.28
C GLY A 191 -5.47 -12.36 -2.74
N LEU A 192 -4.96 -13.59 -2.65
CA LEU A 192 -5.73 -14.72 -2.14
C LEU A 192 -5.95 -14.56 -0.65
N THR A 193 -4.94 -14.10 0.06
CA THR A 193 -5.09 -13.94 1.50
C THR A 193 -6.28 -13.03 1.83
N ARG A 194 -6.42 -11.95 1.07
CA ARG A 194 -7.50 -11.01 1.33
C ARG A 194 -8.86 -11.42 0.75
N ALA A 195 -8.87 -11.94 -0.48
CA ALA A 195 -10.13 -12.35 -1.07
C ALA A 195 -10.75 -13.46 -0.22
N ALA A 196 -9.91 -14.40 0.22
CA ALA A 196 -10.41 -15.52 1.02
C ALA A 196 -10.83 -15.07 2.41
N ALA A 197 -10.10 -14.11 2.98
CA ALA A 197 -10.40 -13.59 4.30
C ALA A 197 -11.83 -13.05 4.34
N LEU A 198 -12.15 -12.21 3.36
CA LEU A 198 -13.48 -11.64 3.29
C LEU A 198 -14.57 -12.66 2.98
N GLU A 199 -14.32 -13.50 1.97
CA GLU A 199 -15.31 -14.49 1.57
C GLU A 199 -15.57 -15.59 2.60
N LEU A 200 -14.57 -15.92 3.40
CA LEU A 200 -14.72 -16.97 4.40
C LEU A 200 -15.13 -16.50 5.79
N ALA A 201 -15.17 -15.18 5.98
CA ALA A 201 -15.54 -14.61 7.27
C ALA A 201 -16.89 -15.13 7.77
N PRO A 202 -17.88 -15.27 6.87
CA PRO A 202 -19.18 -15.77 7.32
C PRO A 202 -19.09 -17.21 7.82
N ARG A 203 -17.98 -17.88 7.50
CA ARG A 203 -17.74 -19.27 7.90
C ARG A 203 -16.79 -19.32 9.09
N HIS A 204 -16.47 -18.15 9.62
CA HIS A 204 -15.56 -18.05 10.77
C HIS A 204 -14.18 -18.64 10.53
N ILE A 205 -13.71 -18.59 9.29
CA ILE A 205 -12.37 -19.08 8.97
C ILE A 205 -11.54 -17.85 8.69
N ARG A 206 -10.55 -17.61 9.54
CA ARG A 206 -9.68 -16.47 9.37
C ARG A 206 -8.55 -16.84 8.42
N VAL A 207 -8.20 -15.89 7.55
CA VAL A 207 -7.12 -16.09 6.59
C VAL A 207 -6.14 -14.94 6.72
N ASN A 208 -4.91 -15.27 7.11
CA ASN A 208 -3.86 -14.29 7.30
C ASN A 208 -2.55 -14.73 6.64
N ALA A 209 -1.51 -13.92 6.80
CA ALA A 209 -0.24 -14.27 6.20
C ALA A 209 0.89 -13.67 7.00
N VAL A 210 2.04 -14.34 6.92
CA VAL A 210 3.23 -13.86 7.57
C VAL A 210 4.13 -13.61 6.38
N ALA A 211 4.86 -12.49 6.43
CA ALA A 211 5.76 -12.12 5.36
C ALA A 211 7.15 -11.88 5.89
N PRO A 212 8.01 -12.90 5.78
CA PRO A 212 9.39 -12.76 6.26
C PRO A 212 10.13 -11.84 5.28
N GLY A 213 11.21 -11.22 5.76
CA GLY A 213 12.03 -10.39 4.89
C GLY A 213 13.18 -11.28 4.49
N LEU A 214 14.24 -11.28 5.29
CA LEU A 214 15.38 -12.14 5.04
C LEU A 214 15.41 -13.17 6.16
N SER A 215 15.15 -14.43 5.82
CA SER A 215 15.20 -15.49 6.81
C SER A 215 16.21 -16.53 6.30
N LEU A 216 16.06 -17.78 6.71
CA LEU A 216 16.98 -18.85 6.32
C LEU A 216 17.56 -18.74 4.90
N LEU A 217 18.87 -18.53 4.84
CA LEU A 217 19.57 -18.41 3.57
C LEU A 217 19.79 -19.80 2.96
N PRO A 218 20.03 -19.85 1.63
CA PRO A 218 20.26 -21.16 1.00
C PRO A 218 21.45 -21.84 1.68
N PRO A 219 21.38 -23.15 1.90
CA PRO A 219 22.47 -23.87 2.55
C PRO A 219 23.77 -23.87 1.74
N ALA A 220 23.64 -23.78 0.42
CA ALA A 220 24.82 -23.77 -0.45
C ALA A 220 25.54 -22.43 -0.53
N MET A 221 24.78 -21.34 -0.43
CA MET A 221 25.35 -19.99 -0.50
C MET A 221 26.58 -19.82 0.37
N PRO A 222 27.68 -19.30 -0.22
CA PRO A 222 28.95 -19.06 0.48
C PRO A 222 28.78 -18.12 1.67
N GLN A 223 29.42 -18.45 2.79
CA GLN A 223 29.31 -17.62 3.98
C GLN A 223 29.60 -16.15 3.70
N GLU A 224 30.44 -15.87 2.71
CA GLU A 224 30.77 -14.51 2.35
C GLU A 224 29.52 -13.79 1.86
N THR A 225 28.81 -14.46 0.96
CA THR A 225 27.58 -13.90 0.40
C THR A 225 26.49 -13.82 1.45
N GLN A 226 26.40 -14.85 2.28
CA GLN A 226 25.38 -14.86 3.34
C GLN A 226 25.58 -13.65 4.24
N GLU A 227 26.83 -13.38 4.60
CA GLU A 227 27.16 -12.27 5.48
C GLU A 227 26.84 -10.92 4.84
N GLU A 228 26.94 -10.85 3.51
CA GLU A 228 26.65 -9.61 2.80
C GLU A 228 25.14 -9.35 2.84
N TYR A 229 24.36 -10.43 2.88
CA TYR A 229 22.91 -10.32 2.96
C TYR A 229 22.52 -9.92 4.39
N ARG A 230 23.08 -10.63 5.37
CA ARG A 230 22.82 -10.36 6.78
C ARG A 230 23.01 -8.91 7.17
N ARG A 231 24.17 -8.35 6.82
CA ARG A 231 24.49 -6.97 7.17
C ARG A 231 23.51 -5.93 6.65
N LYS A 232 22.62 -6.32 5.74
CA LYS A 232 21.66 -5.38 5.22
C LYS A 232 20.45 -5.18 6.15
N VAL A 233 20.24 -6.12 7.07
CA VAL A 233 19.12 -6.03 8.01
C VAL A 233 19.36 -4.97 9.07
N PRO A 234 18.51 -3.93 9.10
CA PRO A 234 18.65 -2.83 10.07
C PRO A 234 18.60 -3.25 11.54
N LEU A 235 17.75 -4.21 11.86
CA LEU A 235 17.63 -4.66 13.25
C LEU A 235 18.53 -5.87 13.53
N GLY A 236 19.78 -5.61 13.92
CA GLY A 236 20.71 -6.69 14.24
C GLY A 236 21.62 -7.25 13.13
N GLN A 237 21.43 -6.80 11.89
CA GLN A 237 22.25 -7.28 10.77
C GLN A 237 22.22 -8.79 10.66
N SER A 238 21.05 -9.37 10.93
CA SER A 238 20.89 -10.81 10.87
C SER A 238 19.57 -11.23 10.26
N GLU A 239 19.56 -12.37 9.57
CA GLU A 239 18.34 -12.87 8.97
C GLU A 239 17.48 -13.41 10.11
N ALA A 240 16.19 -13.62 9.84
CA ALA A 240 15.28 -14.15 10.85
C ALA A 240 15.43 -15.67 10.95
N SER A 241 15.49 -16.18 12.19
CA SER A 241 15.61 -17.62 12.42
C SER A 241 14.25 -18.25 12.12
N ALA A 242 14.23 -19.56 11.88
CA ALA A 242 12.99 -20.24 11.58
C ALA A 242 12.01 -20.06 12.74
N ALA A 243 12.53 -20.05 13.97
CA ALA A 243 11.71 -19.89 15.15
C ALA A 243 10.97 -18.56 15.16
N GLN A 244 11.69 -17.46 14.93
CA GLN A 244 11.08 -16.13 14.92
C GLN A 244 9.90 -16.07 13.96
N ILE A 245 10.04 -16.71 12.80
CA ILE A 245 8.95 -16.73 11.84
C ILE A 245 7.84 -17.60 12.43
N ALA A 246 8.23 -18.70 13.07
CA ALA A 246 7.27 -19.60 13.70
C ALA A 246 6.46 -18.84 14.75
N ASP A 247 7.12 -17.94 15.47
CA ASP A 247 6.44 -17.15 16.50
C ASP A 247 5.22 -16.40 15.91
N ALA A 248 5.42 -15.75 14.76
CA ALA A 248 4.35 -14.98 14.10
C ALA A 248 3.17 -15.87 13.69
N ILE A 249 3.47 -17.00 13.08
CA ILE A 249 2.42 -17.91 12.65
C ILE A 249 1.63 -18.40 13.86
N ALA A 250 2.36 -18.77 14.91
CA ALA A 250 1.74 -19.25 16.14
C ALA A 250 0.78 -18.20 16.68
N PHE A 251 1.21 -16.94 16.66
CA PHE A 251 0.36 -15.86 17.15
C PHE A 251 -0.91 -15.77 16.28
N LEU A 252 -0.75 -15.74 14.97
CA LEU A 252 -1.90 -15.65 14.08
C LEU A 252 -2.93 -16.79 14.20
N VAL A 253 -2.47 -18.01 14.52
CA VAL A 253 -3.40 -19.13 14.68
C VAL A 253 -4.03 -19.14 16.07
N SER A 254 -3.38 -18.49 17.04
CA SER A 254 -3.87 -18.45 18.41
C SER A 254 -5.15 -17.66 18.65
N LYS A 255 -5.68 -17.82 19.86
CA LYS A 255 -6.89 -17.13 20.30
C LYS A 255 -6.60 -15.62 20.41
N ASP A 256 -5.33 -15.29 20.60
CA ASP A 256 -4.88 -13.90 20.74
C ASP A 256 -5.03 -13.10 19.44
N ALA A 257 -5.43 -13.78 18.37
CA ALA A 257 -5.61 -13.16 17.06
C ALA A 257 -7.01 -13.50 16.55
N GLY A 258 -7.92 -13.78 17.48
CA GLY A 258 -9.28 -14.14 17.12
C GLY A 258 -10.10 -13.12 16.33
N TYR A 259 -9.64 -11.86 16.30
CA TYR A 259 -10.35 -10.81 15.57
C TYR A 259 -9.56 -10.45 14.31
N ILE A 260 -8.41 -11.10 14.15
CA ILE A 260 -7.54 -10.82 13.02
C ILE A 260 -7.81 -11.71 11.80
N THR A 261 -8.06 -11.07 10.67
CA THR A 261 -8.29 -11.81 9.43
C THR A 261 -8.01 -10.88 8.24
N GLY A 262 -7.37 -11.42 7.21
CA GLY A 262 -7.04 -10.62 6.05
C GLY A 262 -5.81 -9.78 6.30
N THR A 263 -5.09 -10.03 7.38
CA THR A 263 -3.90 -9.22 7.59
C THR A 263 -2.64 -10.00 7.29
N THR A 264 -1.63 -9.25 6.83
CA THR A 264 -0.33 -9.80 6.49
C THR A 264 0.61 -9.20 7.52
N LEU A 265 1.26 -10.08 8.28
CA LEU A 265 2.18 -9.68 9.32
C LEU A 265 3.62 -9.71 8.84
N LYS A 266 4.22 -8.52 8.69
CA LYS A 266 5.59 -8.42 8.24
C LYS A 266 6.56 -8.74 9.36
N VAL A 267 7.59 -9.52 9.02
CA VAL A 267 8.62 -9.90 9.98
C VAL A 267 9.93 -9.77 9.22
N ASP A 268 10.44 -8.54 9.11
CA ASP A 268 11.66 -8.29 8.35
C ASP A 268 12.77 -7.48 9.00
N GLY A 269 12.68 -7.23 10.30
CA GLY A 269 13.70 -6.45 10.96
C GLY A 269 13.96 -5.09 10.32
N GLY A 270 12.93 -4.57 9.63
CA GLY A 270 13.04 -3.27 8.98
C GLY A 270 13.74 -3.27 7.63
N LEU A 271 13.99 -4.45 7.09
CA LEU A 271 14.67 -4.59 5.81
C LEU A 271 13.97 -3.86 4.67
N ILE A 272 12.66 -4.02 4.56
CA ILE A 272 11.91 -3.36 3.50
C ILE A 272 11.93 -1.82 3.59
N LEU A 273 12.42 -1.28 4.71
CA LEU A 273 12.47 0.18 4.91
C LEU A 273 13.74 0.89 4.42
N ALA A 274 14.79 0.12 4.13
CA ALA A 274 16.07 0.68 3.68
C ALA A 274 16.10 1.09 2.21
N ARG A 275 16.83 2.16 1.91
CA ARG A 275 16.96 2.65 0.53
C ARG A 275 18.27 2.16 -0.08
N ALA A 276 18.27 2.01 -1.41
CA ALA A 276 19.45 1.56 -2.15
C ALA A 276 20.39 2.72 -2.49
N CYS B 11 6.49 5.60 -38.51
CA CYS B 11 5.41 5.54 -37.48
C CYS B 11 5.55 4.33 -36.56
N PRO B 12 5.15 4.49 -35.29
CA PRO B 12 5.23 3.41 -34.30
C PRO B 12 4.01 2.47 -34.34
N ALA B 13 4.19 1.27 -33.84
CA ALA B 13 3.12 0.29 -33.82
C ALA B 13 2.81 -0.18 -32.41
N ALA B 14 1.52 -0.35 -32.13
CA ALA B 14 1.06 -0.80 -30.83
C ALA B 14 0.13 -2.01 -30.91
N VAL B 15 0.29 -2.92 -29.95
CA VAL B 15 -0.55 -4.11 -29.87
C VAL B 15 -1.57 -3.88 -28.77
N ILE B 16 -2.85 -4.09 -29.08
CA ILE B 16 -3.91 -3.92 -28.10
C ILE B 16 -4.66 -5.24 -27.93
N THR B 17 -4.41 -5.97 -26.84
CA THR B 17 -5.11 -7.23 -26.63
C THR B 17 -6.55 -6.93 -26.26
N GLY B 18 -7.49 -7.76 -26.73
CA GLY B 18 -8.88 -7.54 -26.45
C GLY B 18 -9.32 -6.16 -26.92
N GLY B 19 -8.78 -5.71 -28.05
CA GLY B 19 -9.10 -4.38 -28.56
C GLY B 19 -10.25 -4.21 -29.53
N ALA B 20 -11.05 -5.25 -29.72
CA ALA B 20 -12.17 -5.18 -30.67
C ALA B 20 -13.34 -4.34 -30.17
N ARG B 21 -13.58 -4.35 -28.86
CA ARG B 21 -14.69 -3.59 -28.28
C ARG B 21 -14.35 -2.89 -26.96
N ARG B 22 -15.30 -2.09 -26.48
CA ARG B 22 -15.18 -1.38 -25.21
C ARG B 22 -13.83 -0.67 -24.96
N ILE B 23 -13.31 -0.77 -23.75
CA ILE B 23 -12.05 -0.11 -23.42
C ILE B 23 -10.93 -0.37 -24.40
N GLY B 24 -10.73 -1.63 -24.77
CA GLY B 24 -9.67 -1.97 -25.71
C GLY B 24 -9.89 -1.31 -27.08
N HIS B 25 -11.15 -1.10 -27.44
CA HIS B 25 -11.48 -0.48 -28.73
C HIS B 25 -11.12 1.00 -28.67
N SER B 26 -11.59 1.65 -27.61
CA SER B 26 -11.33 3.07 -27.39
C SER B 26 -9.83 3.37 -27.36
N ILE B 27 -9.05 2.42 -26.87
CA ILE B 27 -7.60 2.57 -26.78
C ILE B 27 -6.93 2.44 -28.15
N ALA B 28 -7.37 1.46 -28.92
CA ALA B 28 -6.80 1.26 -30.26
C ALA B 28 -7.08 2.50 -31.10
N VAL B 29 -8.32 2.97 -31.04
CA VAL B 29 -8.72 4.15 -31.79
C VAL B 29 -7.89 5.36 -31.39
N ARG B 30 -7.72 5.54 -30.09
CA ARG B 30 -6.95 6.66 -29.55
C ARG B 30 -5.52 6.66 -30.04
N LEU B 31 -4.81 5.56 -29.84
CA LEU B 31 -3.43 5.47 -30.27
C LEU B 31 -3.31 5.63 -31.79
N HIS B 32 -4.32 5.17 -32.51
CA HIS B 32 -4.30 5.28 -33.96
C HIS B 32 -4.41 6.76 -34.34
N GLN B 33 -5.30 7.46 -33.66
CA GLN B 33 -5.50 8.89 -33.89
C GLN B 33 -4.23 9.68 -33.63
N GLN B 34 -3.31 9.09 -32.87
CA GLN B 34 -2.05 9.77 -32.54
C GLN B 34 -0.91 9.29 -33.42
N GLY B 35 -1.24 8.64 -34.53
CA GLY B 35 -0.23 8.20 -35.46
C GLY B 35 0.30 6.79 -35.29
N PHE B 36 -0.31 6.03 -34.39
CA PHE B 36 0.11 4.65 -34.16
C PHE B 36 -0.50 3.68 -35.18
N ARG B 37 0.28 2.67 -35.56
CA ARG B 37 -0.16 1.61 -36.39
C ARG B 37 -0.56 0.52 -35.47
N VAL B 38 -1.81 0.09 -35.48
CA VAL B 38 -2.27 -0.90 -34.50
C VAL B 38 -2.60 -2.32 -34.92
N VAL B 39 -2.21 -3.25 -34.04
CA VAL B 39 -2.47 -4.68 -34.19
C VAL B 39 -3.60 -4.94 -33.21
N VAL B 40 -4.82 -5.14 -33.74
CA VAL B 40 -5.99 -5.37 -32.91
C VAL B 40 -6.19 -6.86 -32.64
N HIS B 41 -5.91 -7.27 -31.41
CA HIS B 41 -6.08 -8.66 -31.02
C HIS B 41 -7.48 -8.88 -30.48
N TYR B 42 -8.00 -10.08 -30.69
CA TYR B 42 -9.33 -10.44 -30.21
C TYR B 42 -9.45 -11.95 -30.10
N ARG B 43 -10.55 -12.41 -29.54
CA ARG B 43 -10.77 -13.85 -29.40
C ARG B 43 -12.03 -14.26 -30.12
N HIS B 44 -13.17 -13.76 -29.66
CA HIS B 44 -14.45 -14.10 -30.28
C HIS B 44 -15.17 -12.91 -30.92
N SER B 45 -14.69 -11.69 -30.68
CA SER B 45 -15.32 -10.51 -31.28
C SER B 45 -14.78 -10.29 -32.70
N GLU B 46 -14.88 -11.34 -33.51
CA GLU B 46 -14.39 -11.33 -34.90
C GLU B 46 -15.02 -10.20 -35.73
N GLY B 47 -16.33 -10.03 -35.60
CA GLY B 47 -17.02 -8.99 -36.34
C GLY B 47 -16.49 -7.59 -36.03
N ALA B 48 -16.58 -7.19 -34.76
CA ALA B 48 -16.11 -5.88 -34.33
C ALA B 48 -14.64 -5.70 -34.70
N ALA B 49 -13.85 -6.75 -34.50
CA ALA B 49 -12.43 -6.69 -34.83
C ALA B 49 -12.24 -6.31 -36.29
N GLN B 50 -13.09 -6.88 -37.15
CA GLN B 50 -13.03 -6.62 -38.58
C GLN B 50 -13.52 -5.20 -38.93
N ARG B 51 -14.65 -4.79 -38.35
CA ARG B 51 -15.19 -3.47 -38.61
C ARG B 51 -14.25 -2.34 -38.13
N LEU B 52 -13.48 -2.63 -37.09
CA LEU B 52 -12.55 -1.63 -36.55
C LEU B 52 -11.28 -1.55 -37.38
N VAL B 53 -10.69 -2.71 -37.68
CA VAL B 53 -9.47 -2.76 -38.46
C VAL B 53 -9.68 -2.15 -39.85
N ALA B 54 -10.92 -2.23 -40.34
CA ALA B 54 -11.25 -1.67 -41.65
C ALA B 54 -11.43 -0.16 -41.51
N GLU B 55 -12.11 0.26 -40.46
CA GLU B 55 -12.35 1.67 -40.24
C GLU B 55 -11.02 2.41 -40.17
N LEU B 56 -10.09 1.87 -39.39
CA LEU B 56 -8.78 2.49 -39.24
C LEU B 56 -8.03 2.52 -40.57
N ASN B 57 -8.16 1.45 -41.34
CA ASN B 57 -7.48 1.38 -42.63
C ASN B 57 -8.13 2.31 -43.64
N ALA B 58 -9.39 2.64 -43.40
CA ALA B 58 -10.11 3.56 -44.27
C ALA B 58 -9.49 4.93 -44.06
N ALA B 59 -9.20 5.24 -42.81
CA ALA B 59 -8.62 6.52 -42.41
C ALA B 59 -7.15 6.59 -42.79
N ARG B 60 -6.47 5.44 -42.79
CA ARG B 60 -5.05 5.38 -43.14
C ARG B 60 -4.72 4.00 -43.67
N ALA B 61 -4.39 3.93 -44.95
CA ALA B 61 -4.05 2.67 -45.60
C ALA B 61 -2.94 1.89 -44.90
N GLY B 62 -3.17 0.60 -44.69
CA GLY B 62 -2.20 -0.25 -44.05
C GLY B 62 -1.77 0.20 -42.66
N SER B 63 -2.71 0.73 -41.90
CA SER B 63 -2.43 1.22 -40.55
C SER B 63 -2.96 0.32 -39.45
N ALA B 64 -3.76 -0.68 -39.82
CA ALA B 64 -4.33 -1.58 -38.84
C ALA B 64 -4.56 -3.01 -39.34
N VAL B 65 -4.07 -3.97 -38.57
CA VAL B 65 -4.22 -5.38 -38.87
C VAL B 65 -4.87 -6.02 -37.63
N LEU B 66 -5.40 -7.23 -37.77
CA LEU B 66 -6.02 -7.91 -36.64
C LEU B 66 -5.35 -9.26 -36.39
N CYS B 67 -5.61 -9.84 -35.22
CA CYS B 67 -5.03 -11.13 -34.84
C CYS B 67 -5.93 -11.84 -33.81
N LYS B 68 -6.39 -13.03 -34.17
CA LYS B 68 -7.26 -13.81 -33.30
C LYS B 68 -6.44 -14.71 -32.39
N GLY B 69 -6.87 -14.84 -31.13
CA GLY B 69 -6.13 -15.69 -30.21
C GLY B 69 -6.70 -15.85 -28.81
N ASP B 70 -6.53 -17.06 -28.25
CA ASP B 70 -7.00 -17.35 -26.90
C ASP B 70 -5.82 -17.16 -25.97
N LEU B 71 -6.05 -16.51 -24.83
CA LEU B 71 -4.97 -16.26 -23.90
C LEU B 71 -4.98 -17.11 -22.61
N SER B 72 -5.85 -18.13 -22.57
CA SER B 72 -5.91 -19.01 -21.39
C SER B 72 -4.66 -19.86 -21.27
N LEU B 73 -4.35 -20.31 -20.06
CA LEU B 73 -3.18 -21.17 -19.87
C LEU B 73 -3.34 -22.45 -20.70
N SER B 74 -2.26 -22.89 -21.34
CA SER B 74 -2.28 -24.11 -22.16
C SER B 74 -0.91 -24.32 -22.76
N SER B 75 -0.73 -25.47 -23.40
CA SER B 75 0.55 -25.78 -24.04
C SER B 75 0.81 -24.87 -25.24
N SER B 76 -0.24 -24.26 -25.77
CA SER B 76 -0.12 -23.38 -26.93
C SER B 76 -0.15 -21.89 -26.62
N LEU B 77 -0.11 -21.54 -25.33
CA LEU B 77 -0.15 -20.12 -24.95
C LEU B 77 1.13 -19.38 -25.26
N LEU B 78 2.26 -19.99 -24.91
CA LEU B 78 3.56 -19.37 -25.13
C LEU B 78 3.77 -18.97 -26.59
N ASP B 79 3.44 -19.88 -27.52
CA ASP B 79 3.62 -19.59 -28.94
C ASP B 79 2.57 -18.61 -29.45
N CYS B 80 1.40 -18.63 -28.84
CA CYS B 80 0.34 -17.73 -29.27
C CYS B 80 0.74 -16.28 -29.00
N CYS B 81 1.32 -16.05 -27.83
CA CYS B 81 1.75 -14.70 -27.47
C CYS B 81 2.92 -14.27 -28.36
N GLU B 82 3.84 -15.19 -28.64
CA GLU B 82 4.96 -14.87 -29.52
C GLU B 82 4.40 -14.41 -30.86
N ASP B 83 3.41 -15.16 -31.37
CA ASP B 83 2.79 -14.84 -32.65
C ASP B 83 2.02 -13.53 -32.66
N ILE B 84 1.46 -13.15 -31.51
CA ILE B 84 0.72 -11.90 -31.41
C ILE B 84 1.68 -10.73 -31.56
N ILE B 85 2.84 -10.84 -30.90
CA ILE B 85 3.86 -9.80 -30.99
C ILE B 85 4.49 -9.85 -32.37
N ASP B 86 4.79 -11.07 -32.82
CA ASP B 86 5.40 -11.28 -34.13
C ASP B 86 4.50 -10.71 -35.23
N CYS B 87 3.19 -10.66 -34.95
CA CYS B 87 2.22 -10.13 -35.90
C CYS B 87 2.42 -8.63 -36.10
N SER B 88 3.00 -7.97 -35.11
CA SER B 88 3.26 -6.54 -35.20
C SER B 88 4.50 -6.27 -36.04
N PHE B 89 5.50 -7.14 -35.89
CA PHE B 89 6.74 -7.01 -36.64
C PHE B 89 6.56 -7.36 -38.12
N ARG B 90 5.58 -8.22 -38.40
CA ARG B 90 5.32 -8.61 -39.79
C ARG B 90 4.50 -7.54 -40.47
N ALA B 91 3.50 -7.04 -39.76
CA ALA B 91 2.61 -6.03 -40.32
C ALA B 91 3.24 -4.65 -40.40
N PHE B 92 4.16 -4.35 -39.49
CA PHE B 92 4.76 -3.03 -39.48
C PHE B 92 6.27 -2.99 -39.28
N GLY B 93 6.87 -4.16 -39.11
CA GLY B 93 8.32 -4.21 -38.94
C GLY B 93 8.80 -3.68 -37.61
N ARG B 94 7.86 -3.30 -36.74
CA ARG B 94 8.21 -2.78 -35.42
C ARG B 94 7.04 -2.90 -34.45
N CYS B 95 7.37 -2.83 -33.16
CA CYS B 95 6.38 -2.89 -32.08
C CYS B 95 6.91 -2.02 -30.94
N ASP B 96 6.28 -0.88 -30.73
CA ASP B 96 6.75 0.04 -29.69
C ASP B 96 5.90 0.07 -28.42
N VAL B 97 4.61 -0.26 -28.56
CA VAL B 97 3.71 -0.24 -27.43
C VAL B 97 2.88 -1.52 -27.34
N LEU B 98 2.67 -1.98 -26.11
CA LEU B 98 1.88 -3.17 -25.80
C LEU B 98 0.88 -2.82 -24.71
N VAL B 99 -0.40 -3.00 -25.00
CA VAL B 99 -1.45 -2.72 -24.03
C VAL B 99 -2.14 -4.03 -23.63
N ASN B 100 -1.91 -4.47 -22.40
CA ASN B 100 -2.52 -5.70 -21.89
C ASN B 100 -3.91 -5.42 -21.35
N ASN B 101 -4.87 -5.40 -22.28
CA ASN B 101 -6.27 -5.11 -21.98
C ASN B 101 -7.11 -6.40 -21.90
N ALA B 102 -6.77 -7.39 -22.73
CA ALA B 102 -7.52 -8.65 -22.74
C ALA B 102 -7.71 -9.17 -21.31
N SER B 103 -8.95 -9.52 -20.97
CA SER B 103 -9.24 -10.00 -19.62
C SER B 103 -10.53 -10.81 -19.42
N ALA B 104 -10.40 -11.99 -18.83
CA ALA B 104 -11.56 -12.81 -18.54
C ALA B 104 -12.03 -12.31 -17.16
N TYR B 105 -13.34 -12.29 -16.94
CA TYR B 105 -13.86 -11.82 -15.68
C TYR B 105 -15.17 -12.48 -15.31
N TYR B 106 -15.16 -13.26 -14.23
CA TYR B 106 -16.36 -13.94 -13.75
C TYR B 106 -16.05 -14.60 -12.41
N PRO B 107 -17.09 -14.85 -11.60
CA PRO B 107 -16.98 -15.47 -10.28
C PRO B 107 -16.42 -16.90 -10.22
N THR B 108 -15.82 -17.22 -9.08
CA THR B 108 -15.25 -18.54 -8.80
C THR B 108 -15.41 -18.76 -7.30
N PRO B 109 -16.67 -18.81 -6.82
CA PRO B 109 -16.99 -19.01 -5.41
C PRO B 109 -16.30 -20.19 -4.73
N LEU B 110 -15.67 -19.91 -3.60
CA LEU B 110 -14.97 -20.91 -2.81
C LEU B 110 -15.91 -22.01 -2.29
N LEU B 111 -17.16 -21.65 -2.02
CA LEU B 111 -18.14 -22.62 -1.56
C LEU B 111 -19.23 -22.78 -2.62
N PRO B 112 -19.72 -24.01 -2.83
CA PRO B 112 -20.77 -24.28 -3.83
C PRO B 112 -21.93 -23.30 -3.73
N PRO B 124 -15.68 -25.55 -14.75
CA PRO B 124 -14.73 -26.27 -13.89
C PRO B 124 -13.59 -25.38 -13.41
N ILE B 125 -13.28 -25.47 -12.12
CA ILE B 125 -12.26 -24.66 -11.49
C ILE B 125 -10.90 -24.55 -12.17
N ASP B 126 -10.20 -25.66 -12.38
CA ASP B 126 -8.89 -25.56 -13.03
C ASP B 126 -8.99 -24.96 -14.42
N ALA B 127 -10.16 -25.07 -15.04
CA ALA B 127 -10.37 -24.49 -16.37
C ALA B 127 -10.52 -22.97 -16.21
N GLN B 128 -11.17 -22.56 -15.12
CA GLN B 128 -11.37 -21.14 -14.83
C GLN B 128 -10.02 -20.55 -14.47
N VAL B 129 -9.26 -21.27 -13.66
CA VAL B 129 -7.93 -20.81 -13.28
C VAL B 129 -7.09 -20.58 -14.54
N ALA B 130 -7.19 -21.53 -15.48
CA ALA B 130 -6.45 -21.43 -16.75
C ALA B 130 -6.86 -20.18 -17.55
N GLU B 131 -8.15 -19.90 -17.63
CA GLU B 131 -8.60 -18.73 -18.38
C GLU B 131 -8.43 -17.40 -17.64
N LEU B 132 -8.76 -17.38 -16.34
CA LEU B 132 -8.64 -16.16 -15.57
C LEU B 132 -7.19 -15.73 -15.41
N PHE B 133 -6.32 -16.68 -15.10
CA PHE B 133 -4.90 -16.39 -14.93
C PHE B 133 -4.17 -16.17 -16.26
N GLY B 134 -4.58 -16.90 -17.29
CA GLY B 134 -3.95 -16.74 -18.60
C GLY B 134 -4.17 -15.33 -19.12
N SER B 135 -5.44 -14.95 -19.28
CA SER B 135 -5.77 -13.62 -19.80
C SER B 135 -5.25 -12.45 -18.96
N ASN B 136 -5.38 -12.57 -17.64
CA ASN B 136 -4.99 -11.49 -16.73
C ASN B 136 -3.54 -11.40 -16.25
N ALA B 137 -2.76 -12.46 -16.39
CA ALA B 137 -1.40 -12.43 -15.89
C ALA B 137 -0.32 -13.12 -16.72
N VAL B 138 -0.46 -14.43 -16.89
CA VAL B 138 0.53 -15.21 -17.63
C VAL B 138 0.69 -14.77 -19.08
N ALA B 139 -0.43 -14.50 -19.77
CA ALA B 139 -0.33 -14.04 -21.16
C ALA B 139 0.44 -12.71 -21.16
N PRO B 140 0.04 -11.75 -20.30
CA PRO B 140 0.77 -10.47 -20.28
C PRO B 140 2.26 -10.70 -20.06
N LEU B 141 2.58 -11.69 -19.22
CA LEU B 141 3.98 -12.02 -18.94
C LEU B 141 4.69 -12.44 -20.23
N PHE B 142 4.11 -13.40 -20.93
CA PHE B 142 4.71 -13.89 -22.17
C PHE B 142 4.78 -12.80 -23.22
N LEU B 143 3.74 -11.98 -23.28
CA LEU B 143 3.72 -10.90 -24.25
C LEU B 143 4.87 -9.93 -23.99
N ILE B 144 5.01 -9.46 -22.76
CA ILE B 144 6.09 -8.52 -22.41
C ILE B 144 7.45 -9.16 -22.69
N ARG B 145 7.55 -10.45 -22.42
CA ARG B 145 8.78 -11.19 -22.64
C ARG B 145 9.13 -11.23 -24.13
N ALA B 146 8.16 -11.55 -24.97
CA ALA B 146 8.38 -11.60 -26.41
C ALA B 146 8.72 -10.20 -26.89
N PHE B 147 7.92 -9.24 -26.47
CA PHE B 147 8.09 -7.84 -26.82
C PHE B 147 9.49 -7.33 -26.49
N ALA B 148 9.94 -7.58 -25.27
CA ALA B 148 11.26 -7.12 -24.85
C ALA B 148 12.39 -7.81 -25.59
N ARG B 149 12.27 -9.12 -25.77
CA ARG B 149 13.32 -9.88 -26.45
C ARG B 149 13.51 -9.49 -27.90
N ARG B 150 12.44 -9.01 -28.55
CA ARG B 150 12.55 -8.64 -29.95
C ARG B 150 12.96 -7.20 -30.23
N GLN B 151 13.21 -6.42 -29.17
CA GLN B 151 13.61 -5.03 -29.34
C GLN B 151 15.11 -4.88 -29.59
N SER B 159 16.96 6.51 -30.57
CA SER B 159 16.05 5.62 -29.85
C SER B 159 14.60 6.11 -29.93
N ARG B 160 13.69 5.23 -29.54
CA ARG B 160 12.26 5.54 -29.55
C ARG B 160 11.69 5.65 -28.14
N ASN B 161 10.39 5.39 -28.03
CA ASN B 161 9.67 5.46 -26.76
C ASN B 161 8.89 4.16 -26.58
N LEU B 162 9.57 3.13 -26.09
CA LEU B 162 8.97 1.81 -25.87
C LEU B 162 8.30 1.73 -24.49
N SER B 163 7.03 1.32 -24.45
CA SER B 163 6.35 1.19 -23.16
C SER B 163 5.20 0.18 -23.18
N VAL B 164 4.94 -0.38 -22.01
CA VAL B 164 3.88 -1.36 -21.82
C VAL B 164 2.88 -0.84 -20.80
N VAL B 165 1.59 -0.94 -21.12
CA VAL B 165 0.55 -0.50 -20.20
C VAL B 165 -0.38 -1.67 -19.87
N ASN B 166 -0.38 -2.07 -18.61
CA ASN B 166 -1.25 -3.16 -18.18
C ASN B 166 -2.54 -2.58 -17.64
N LEU B 167 -3.65 -3.24 -17.94
CA LEU B 167 -4.95 -2.80 -17.45
C LEU B 167 -5.22 -3.56 -16.16
N CYS B 168 -5.19 -2.83 -15.04
CA CYS B 168 -5.44 -3.42 -13.74
C CYS B 168 -6.86 -3.16 -13.27
N ASP B 169 -7.05 -3.21 -11.95
CA ASP B 169 -8.36 -3.03 -11.32
C ASP B 169 -8.15 -2.34 -9.96
N ALA B 170 -8.57 -1.09 -9.83
CA ALA B 170 -8.38 -0.34 -8.59
C ALA B 170 -9.11 -0.93 -7.39
N MET B 171 -10.12 -1.75 -7.63
CA MET B 171 -10.90 -2.33 -6.55
C MET B 171 -10.47 -3.70 -6.04
N THR B 172 -9.40 -4.26 -6.62
CA THR B 172 -8.94 -5.57 -6.19
C THR B 172 -8.40 -5.59 -4.76
N ASP B 173 -8.28 -4.41 -4.16
CA ASP B 173 -7.83 -4.28 -2.78
C ASP B 173 -9.04 -4.57 -1.90
N LEU B 174 -10.23 -4.39 -2.48
CA LEU B 174 -11.48 -4.65 -1.80
C LEU B 174 -12.11 -5.80 -2.60
N PRO B 175 -11.56 -7.01 -2.45
CA PRO B 175 -11.97 -8.24 -3.14
C PRO B 175 -13.48 -8.43 -3.25
N LEU B 176 -14.00 -8.34 -4.47
CA LEU B 176 -15.43 -8.55 -4.70
C LEU B 176 -15.71 -10.01 -4.29
N PRO B 177 -16.65 -10.23 -3.36
CA PRO B 177 -17.00 -11.58 -2.90
C PRO B 177 -17.35 -12.53 -4.04
N GLY B 178 -16.61 -13.63 -4.13
CA GLY B 178 -16.86 -14.61 -5.19
C GLY B 178 -15.94 -14.54 -6.41
N PHE B 179 -15.04 -13.57 -6.45
CA PHE B 179 -14.12 -13.43 -7.59
C PHE B 179 -12.66 -13.68 -7.23
N CYS B 180 -12.46 -14.59 -6.30
CA CYS B 180 -11.15 -14.97 -5.82
C CYS B 180 -10.05 -15.16 -6.87
N VAL B 181 -10.34 -15.95 -7.90
CA VAL B 181 -9.38 -16.21 -8.95
C VAL B 181 -9.06 -14.93 -9.72
N TYR B 182 -10.09 -14.30 -10.26
CA TYR B 182 -9.92 -13.05 -10.98
C TYR B 182 -9.02 -12.11 -10.15
N THR B 183 -9.37 -11.94 -8.87
CA THR B 183 -8.62 -11.08 -7.96
C THR B 183 -7.15 -11.48 -7.83
N MET B 184 -6.88 -12.78 -7.77
CA MET B 184 -5.50 -13.27 -7.65
C MET B 184 -4.71 -12.92 -8.90
N ALA B 185 -5.36 -13.08 -10.05
CA ALA B 185 -4.76 -12.82 -11.34
C ALA B 185 -4.37 -11.35 -11.45
N LYS B 186 -5.35 -10.47 -11.20
CA LYS B 186 -5.09 -9.04 -11.27
C LYS B 186 -3.92 -8.70 -10.32
N HIS B 187 -3.91 -9.29 -9.12
CA HIS B 187 -2.81 -9.04 -8.19
C HIS B 187 -1.48 -9.44 -8.80
N ALA B 188 -1.48 -10.56 -9.50
CA ALA B 188 -0.26 -11.07 -10.14
C ALA B 188 0.19 -10.09 -11.22
N LEU B 189 -0.79 -9.44 -11.86
CA LEU B 189 -0.52 -8.46 -12.91
C LEU B 189 0.16 -7.24 -12.30
N GLY B 190 -0.22 -6.85 -11.09
CA GLY B 190 0.42 -5.71 -10.45
C GLY B 190 1.88 -6.07 -10.15
N GLY B 191 2.12 -7.29 -9.69
CA GLY B 191 3.47 -7.70 -9.40
C GLY B 191 4.29 -7.69 -10.68
N LEU B 192 3.64 -8.10 -11.77
CA LEU B 192 4.30 -8.14 -13.08
C LEU B 192 4.68 -6.73 -13.51
N THR B 193 3.76 -5.78 -13.35
CA THR B 193 4.03 -4.41 -13.74
C THR B 193 5.31 -3.89 -13.07
N ARG B 194 5.42 -4.06 -11.76
CA ARG B 194 6.60 -3.58 -11.05
C ARG B 194 7.88 -4.38 -11.30
N ALA B 195 7.75 -5.70 -11.39
CA ALA B 195 8.90 -6.56 -11.62
C ALA B 195 9.48 -6.26 -13.00
N ALA B 196 8.61 -6.22 -14.00
CA ALA B 196 9.06 -5.94 -15.36
C ALA B 196 9.65 -4.53 -15.44
N ALA B 197 8.94 -3.56 -14.85
CA ALA B 197 9.37 -2.16 -14.87
C ALA B 197 10.83 -2.01 -14.50
N LEU B 198 11.20 -2.60 -13.37
CA LEU B 198 12.57 -2.53 -12.91
C LEU B 198 13.52 -3.31 -13.81
N GLU B 199 13.19 -4.56 -14.10
CA GLU B 199 14.05 -5.41 -14.92
C GLU B 199 14.29 -4.87 -16.33
N LEU B 200 13.27 -4.29 -16.92
CA LEU B 200 13.36 -3.74 -18.27
C LEU B 200 13.83 -2.28 -18.31
N ALA B 201 14.12 -1.70 -17.15
CA ALA B 201 14.56 -0.31 -17.11
C ALA B 201 15.84 -0.11 -17.94
N PRO B 202 16.86 -0.97 -17.73
CA PRO B 202 18.10 -0.83 -18.50
C PRO B 202 17.88 -0.95 -20.02
N ARG B 203 16.79 -1.61 -20.41
CA ARG B 203 16.49 -1.80 -21.83
C ARG B 203 15.62 -0.66 -22.35
N HIS B 204 15.44 0.34 -21.50
CA HIS B 204 14.62 1.51 -21.82
C HIS B 204 13.18 1.20 -22.16
N ILE B 205 12.62 0.15 -21.58
CA ILE B 205 11.21 -0.13 -21.82
C ILE B 205 10.46 0.21 -20.54
N ARG B 206 9.51 1.12 -20.61
CA ARG B 206 8.74 1.50 -19.44
C ARG B 206 7.54 0.57 -19.30
N VAL B 207 7.25 0.15 -18.08
CA VAL B 207 6.11 -0.71 -17.80
C VAL B 207 5.24 -0.09 -16.71
N ASN B 208 4.03 0.32 -17.09
CA ASN B 208 3.09 0.94 -16.16
C ASN B 208 1.71 0.28 -16.26
N ALA B 209 0.75 0.82 -15.53
CA ALA B 209 -0.59 0.28 -15.56
C ALA B 209 -1.63 1.34 -15.28
N VAL B 210 -2.84 1.07 -15.75
CA VAL B 210 -3.98 1.95 -15.51
C VAL B 210 -4.99 1.10 -14.78
N ALA B 211 -5.46 1.58 -13.63
CA ALA B 211 -6.41 0.83 -12.83
C ALA B 211 -7.80 1.47 -12.71
N PRO B 212 -8.72 1.11 -13.61
CA PRO B 212 -10.07 1.68 -13.55
C PRO B 212 -10.78 1.22 -12.30
N GLY B 213 -11.84 1.94 -11.93
CA GLY B 213 -12.64 1.57 -10.77
C GLY B 213 -13.89 0.95 -11.36
N LEU B 214 -14.89 1.78 -11.58
CA LEU B 214 -16.13 1.33 -12.20
C LEU B 214 -16.15 1.97 -13.58
N SER B 215 -15.89 1.17 -14.61
CA SER B 215 -15.92 1.66 -15.98
C SER B 215 -17.11 0.97 -16.66
N LEU B 216 -17.06 0.79 -17.98
CA LEU B 216 -18.17 0.18 -18.72
C LEU B 216 -18.81 -1.05 -18.06
N LEU B 217 -20.11 -0.94 -17.80
CA LEU B 217 -20.87 -2.03 -17.18
C LEU B 217 -21.24 -3.09 -18.21
N PRO B 218 -21.51 -4.33 -17.74
CA PRO B 218 -21.88 -5.41 -18.66
C PRO B 218 -23.13 -5.02 -19.43
N PRO B 219 -23.11 -5.13 -20.76
CA PRO B 219 -24.25 -4.77 -21.60
C PRO B 219 -25.58 -5.46 -21.24
N ALA B 220 -25.47 -6.62 -20.60
CA ALA B 220 -26.65 -7.41 -20.22
C ALA B 220 -27.25 -6.99 -18.87
N MET B 221 -26.50 -6.21 -18.11
CA MET B 221 -26.97 -5.77 -16.79
C MET B 221 -28.14 -4.80 -16.88
N PRO B 222 -29.22 -5.07 -16.13
CA PRO B 222 -30.42 -4.23 -16.10
C PRO B 222 -30.10 -2.81 -15.63
N GLN B 223 -30.73 -1.83 -16.27
CA GLN B 223 -30.50 -0.43 -15.93
C GLN B 223 -30.64 -0.15 -14.44
N GLU B 224 -31.60 -0.79 -13.80
CA GLU B 224 -31.80 -0.60 -12.37
C GLU B 224 -30.52 -0.98 -11.63
N THR B 225 -29.94 -2.10 -12.03
CA THR B 225 -28.72 -2.59 -11.42
C THR B 225 -27.54 -1.69 -11.78
N GLN B 226 -27.51 -1.21 -13.02
CA GLN B 226 -26.43 -0.34 -13.47
C GLN B 226 -26.46 0.97 -12.69
N GLU B 227 -27.67 1.45 -12.42
CA GLU B 227 -27.81 2.71 -11.69
C GLU B 227 -27.39 2.56 -10.22
N GLU B 228 -27.58 1.36 -9.66
CA GLU B 228 -27.19 1.14 -8.28
C GLU B 228 -25.67 1.17 -8.19
N TYR B 229 -25.00 0.79 -9.28
CA TYR B 229 -23.54 0.79 -9.33
C TYR B 229 -23.01 2.21 -9.53
N ARG B 230 -23.55 2.91 -10.52
CA ARG B 230 -23.11 4.27 -10.82
C ARG B 230 -23.18 5.18 -9.61
N ARG B 231 -24.30 5.13 -8.90
CA ARG B 231 -24.51 5.98 -7.74
C ARG B 231 -23.45 5.88 -6.65
N LYS B 232 -22.67 4.80 -6.66
CA LYS B 232 -21.65 4.63 -5.64
C LYS B 232 -20.36 5.40 -5.93
N VAL B 233 -20.20 5.91 -7.15
CA VAL B 233 -18.99 6.66 -7.49
C VAL B 233 -19.06 8.07 -6.92
N PRO B 234 -18.15 8.41 -6.00
CA PRO B 234 -18.10 9.74 -5.38
C PRO B 234 -18.08 10.90 -6.39
N LEU B 235 -17.24 10.78 -7.40
CA LEU B 235 -17.11 11.84 -8.41
C LEU B 235 -18.13 11.70 -9.53
N GLY B 236 -19.24 12.43 -9.43
CA GLY B 236 -20.26 12.42 -10.47
C GLY B 236 -21.26 11.28 -10.51
N GLN B 237 -21.06 10.26 -9.69
CA GLN B 237 -21.96 9.11 -9.65
C GLN B 237 -22.18 8.51 -11.04
N SER B 238 -21.08 8.23 -11.71
CA SER B 238 -21.11 7.67 -13.04
C SER B 238 -19.88 6.80 -13.22
N GLU B 239 -19.97 5.82 -14.13
CA GLU B 239 -18.84 4.95 -14.40
C GLU B 239 -17.94 5.69 -15.39
N ALA B 240 -16.66 5.34 -15.40
CA ALA B 240 -15.69 5.95 -16.31
C ALA B 240 -15.95 5.49 -17.74
N SER B 241 -15.99 6.44 -18.68
CA SER B 241 -16.21 6.10 -20.08
C SER B 241 -14.95 5.42 -20.60
N ALA B 242 -15.03 4.79 -21.75
CA ALA B 242 -13.89 4.11 -22.34
C ALA B 242 -12.82 5.15 -22.70
N ALA B 243 -13.28 6.28 -23.22
CA ALA B 243 -12.38 7.36 -23.62
C ALA B 243 -11.58 7.89 -22.42
N GLN B 244 -12.21 7.99 -21.25
CA GLN B 244 -11.50 8.47 -20.06
C GLN B 244 -10.40 7.51 -19.67
N ILE B 245 -10.63 6.21 -19.89
CA ILE B 245 -9.61 5.23 -19.57
C ILE B 245 -8.54 5.35 -20.65
N ALA B 246 -8.97 5.45 -21.90
CA ALA B 246 -8.01 5.57 -23.00
C ALA B 246 -7.11 6.79 -22.75
N ASP B 247 -7.65 7.83 -22.13
CA ASP B 247 -6.88 9.04 -21.83
C ASP B 247 -5.64 8.77 -20.97
N ALA B 248 -5.80 7.96 -19.93
CA ALA B 248 -4.70 7.64 -19.02
C ALA B 248 -3.67 6.77 -19.73
N ILE B 249 -4.15 5.82 -20.51
CA ILE B 249 -3.24 4.95 -21.24
C ILE B 249 -2.43 5.78 -22.24
N ALA B 250 -3.10 6.68 -22.95
CA ALA B 250 -2.42 7.52 -23.93
C ALA B 250 -1.38 8.38 -23.20
N PHE B 251 -1.72 8.88 -22.02
CA PHE B 251 -0.77 9.68 -21.26
C PHE B 251 0.46 8.85 -20.90
N LEU B 252 0.26 7.66 -20.35
CA LEU B 252 1.40 6.82 -19.97
C LEU B 252 2.29 6.43 -21.15
N VAL B 253 1.73 6.36 -22.35
CA VAL B 253 2.54 6.01 -23.52
C VAL B 253 3.23 7.26 -24.08
N SER B 254 2.58 8.41 -23.96
CA SER B 254 3.14 9.66 -24.48
C SER B 254 4.48 10.03 -23.87
N LYS B 255 5.13 11.00 -24.51
CA LYS B 255 6.44 11.51 -24.08
C LYS B 255 6.33 12.25 -22.75
N ASP B 256 5.11 12.62 -22.38
CA ASP B 256 4.85 13.34 -21.15
C ASP B 256 4.98 12.43 -19.92
N ALA B 257 5.37 11.18 -20.15
CA ALA B 257 5.53 10.20 -19.08
C ALA B 257 6.83 9.45 -19.27
N GLY B 258 7.79 10.10 -19.94
CA GLY B 258 9.07 9.48 -20.19
C GLY B 258 9.87 9.06 -18.98
N TYR B 259 9.56 9.61 -17.81
CA TYR B 259 10.30 9.26 -16.59
C TYR B 259 9.48 8.32 -15.71
N ILE B 260 8.29 7.98 -16.19
CA ILE B 260 7.39 7.10 -15.45
C ILE B 260 7.48 5.63 -15.84
N THR B 261 7.78 4.80 -14.86
CA THR B 261 7.84 3.35 -15.06
C THR B 261 7.61 2.65 -13.72
N GLY B 262 6.72 1.66 -13.72
CA GLY B 262 6.44 0.93 -12.50
C GLY B 262 5.31 1.57 -11.72
N THR B 263 4.59 2.50 -12.33
CA THR B 263 3.51 3.14 -11.60
C THR B 263 2.15 2.74 -12.12
N THR B 264 1.22 2.57 -11.19
CA THR B 264 -0.15 2.21 -11.52
C THR B 264 -0.98 3.49 -11.38
N LEU B 265 -1.68 3.87 -12.44
CA LEU B 265 -2.51 5.07 -12.45
C LEU B 265 -3.98 4.74 -12.20
N LYS B 266 -4.47 5.13 -11.04
CA LYS B 266 -5.86 4.88 -10.67
C LYS B 266 -6.78 5.90 -11.35
N VAL B 267 -7.89 5.41 -11.92
CA VAL B 267 -8.87 6.25 -12.59
C VAL B 267 -10.21 5.72 -12.10
N ASP B 268 -10.57 6.08 -10.86
CA ASP B 268 -11.79 5.55 -10.26
C ASP B 268 -12.80 6.54 -9.68
N GLY B 269 -12.59 7.84 -9.95
CA GLY B 269 -13.52 8.83 -9.42
C GLY B 269 -13.71 8.72 -7.92
N GLY B 270 -12.65 8.29 -7.22
CA GLY B 270 -12.69 8.17 -5.77
C GLY B 270 -13.39 6.93 -5.21
N LEU B 271 -13.80 6.03 -6.09
CA LEU B 271 -14.52 4.82 -5.67
C LEU B 271 -13.83 4.02 -4.56
N ILE B 272 -12.54 3.75 -4.70
CA ILE B 272 -11.79 2.98 -3.71
C ILE B 272 -11.67 3.66 -2.33
N LEU B 273 -12.13 4.92 -2.23
CA LEU B 273 -12.05 5.65 -0.97
C LEU B 273 -13.27 5.46 -0.06
N ALA B 274 -14.42 5.12 -0.66
CA ALA B 274 -15.67 4.94 0.08
C ALA B 274 -15.79 3.68 0.94
N ARG B 275 -16.28 3.84 2.17
CA ARG B 275 -16.44 2.70 3.08
C ARG B 275 -17.87 2.16 3.01
N ALA B 276 -18.00 0.85 3.20
CA ALA B 276 -19.32 0.20 3.17
C ALA B 276 -20.21 0.77 4.27
N CYS C 11 12.14 -6.02 36.56
CA CYS C 11 10.80 -5.88 35.92
C CYS C 11 10.71 -4.65 35.03
N PRO C 12 10.50 -4.86 33.73
CA PRO C 12 10.39 -3.78 32.76
C PRO C 12 9.23 -2.82 33.07
N ALA C 13 9.38 -1.58 32.63
CA ALA C 13 8.38 -0.55 32.86
C ALA C 13 7.81 -0.01 31.54
N ALA C 14 6.49 0.15 31.50
CA ALA C 14 5.83 0.64 30.30
C ALA C 14 5.03 1.90 30.57
N VAL C 15 4.94 2.74 29.55
CA VAL C 15 4.17 3.98 29.63
C VAL C 15 2.99 3.85 28.66
N ILE C 16 1.79 4.18 29.13
CA ILE C 16 0.61 4.11 28.28
C ILE C 16 -0.12 5.46 28.31
N THR C 17 -0.13 6.15 27.18
CA THR C 17 -0.81 7.44 27.09
C THR C 17 -2.31 7.16 26.96
N GLY C 18 -3.12 8.00 27.59
CA GLY C 18 -4.57 7.80 27.56
C GLY C 18 -4.96 6.44 28.12
N GLY C 19 -4.22 5.96 29.12
CA GLY C 19 -4.50 4.65 29.68
C GLY C 19 -5.52 4.51 30.78
N ALA C 20 -6.26 5.58 31.08
CA ALA C 20 -7.24 5.54 32.14
C ALA C 20 -8.51 4.75 31.79
N ARG C 21 -8.94 4.82 30.53
CA ARG C 21 -10.15 4.13 30.10
C ARG C 21 -10.08 3.46 28.72
N ARG C 22 -11.10 2.66 28.44
CA ARG C 22 -11.27 1.96 27.16
C ARG C 22 -10.07 1.13 26.72
N ILE C 23 -9.56 1.37 25.53
CA ILE C 23 -8.43 0.59 25.05
C ILE C 23 -7.12 0.82 25.82
N GLY C 24 -6.80 2.06 26.14
CA GLY C 24 -5.59 2.32 26.89
C GLY C 24 -5.63 1.63 28.26
N HIS C 25 -6.81 1.62 28.87
CA HIS C 25 -7.02 0.99 30.19
C HIS C 25 -6.74 -0.51 30.11
N SER C 26 -7.27 -1.14 29.07
CA SER C 26 -7.09 -2.57 28.85
C SER C 26 -5.62 -2.91 28.54
N ILE C 27 -4.96 -2.04 27.80
CA ILE C 27 -3.55 -2.26 27.46
C ILE C 27 -2.69 -2.21 28.72
N ALA C 28 -2.91 -1.22 29.56
CA ALA C 28 -2.15 -1.07 30.80
C ALA C 28 -2.31 -2.29 31.71
N VAL C 29 -3.55 -2.75 31.85
CA VAL C 29 -3.86 -3.92 32.66
C VAL C 29 -3.18 -5.18 32.11
N ARG C 30 -3.21 -5.33 30.79
CA ARG C 30 -2.62 -6.48 30.14
C ARG C 30 -1.10 -6.54 30.32
N LEU C 31 -0.43 -5.41 30.12
CA LEU C 31 1.02 -5.38 30.29
C LEU C 31 1.38 -5.58 31.76
N HIS C 32 0.55 -5.06 32.65
CA HIS C 32 0.78 -5.20 34.08
C HIS C 32 0.69 -6.68 34.46
N GLN C 33 -0.27 -7.39 33.87
CA GLN C 33 -0.44 -8.81 34.17
C GLN C 33 0.77 -9.61 33.71
N GLN C 34 1.50 -9.08 32.73
CA GLN C 34 2.68 -9.77 32.24
C GLN C 34 3.94 -9.36 32.98
N GLY C 35 3.77 -8.66 34.10
CA GLY C 35 4.92 -8.25 34.88
C GLY C 35 5.43 -6.85 34.70
N PHE C 36 4.77 -6.04 33.89
CA PHE C 36 5.17 -4.74 33.39
C PHE C 36 4.74 -3.62 34.35
N ARG C 37 5.70 -2.72 34.62
CA ARG C 37 5.41 -1.60 35.51
C ARG C 37 4.93 -0.37 34.75
N VAL C 38 3.61 -0.10 34.87
CA VAL C 38 2.95 0.64 33.80
C VAL C 38 2.59 2.05 34.25
N VAL C 39 3.14 3.04 33.53
CA VAL C 39 2.74 4.42 33.78
C VAL C 39 1.42 4.76 33.06
N VAL C 40 0.43 5.15 33.88
CA VAL C 40 -0.87 5.50 33.30
C VAL C 40 -1.02 7.01 33.12
N HIS C 41 -0.77 7.44 31.88
CA HIS C 41 -0.96 8.85 31.55
C HIS C 41 -2.43 9.15 31.25
N TYR C 42 -2.85 10.37 31.57
CA TYR C 42 -4.21 10.82 31.31
C TYR C 42 -4.22 12.33 31.20
N ARG C 43 -5.38 12.88 30.87
CA ARG C 43 -5.49 14.33 30.77
C ARG C 43 -6.74 14.78 31.55
N HIS C 44 -7.89 14.21 31.21
CA HIS C 44 -9.14 14.58 31.88
C HIS C 44 -9.75 13.52 32.79
N SER C 45 -9.38 12.25 32.60
CA SER C 45 -9.96 11.18 33.41
C SER C 45 -9.18 10.87 34.69
N GLU C 46 -9.10 11.87 35.57
CA GLU C 46 -8.37 11.71 36.82
C GLU C 46 -8.96 10.60 37.68
N GLY C 47 -10.27 10.62 37.86
CA GLY C 47 -10.92 9.60 38.67
C GLY C 47 -10.55 8.21 38.20
N ALA C 48 -10.77 7.95 36.92
CA ALA C 48 -10.47 6.65 36.33
C ALA C 48 -9.02 6.23 36.50
N ALA C 49 -8.09 7.12 36.17
CA ALA C 49 -6.67 6.83 36.29
C ALA C 49 -6.28 6.49 37.72
N GLN C 50 -6.85 7.24 38.67
CA GLN C 50 -6.59 7.01 40.08
C GLN C 50 -7.04 5.61 40.49
N ARG C 51 -8.24 5.23 40.05
CA ARG C 51 -8.79 3.92 40.37
C ARG C 51 -8.01 2.76 39.76
N LEU C 52 -7.48 2.98 38.55
CA LEU C 52 -6.71 1.93 37.88
C LEU C 52 -5.37 1.68 38.55
N VAL C 53 -4.69 2.75 38.90
CA VAL C 53 -3.39 2.66 39.56
C VAL C 53 -3.54 1.99 40.93
N ALA C 54 -4.63 2.32 41.63
CA ALA C 54 -4.89 1.75 42.94
C ALA C 54 -5.14 0.26 42.76
N GLU C 55 -5.94 -0.08 41.74
CA GLU C 55 -6.24 -1.46 41.44
C GLU C 55 -4.96 -2.25 41.16
N LEU C 56 -4.07 -1.66 40.37
CA LEU C 56 -2.81 -2.30 40.02
C LEU C 56 -1.83 -2.43 41.18
N ASN C 57 -1.62 -1.35 41.93
CA ASN C 57 -0.72 -1.39 43.06
C ASN C 57 -1.25 -2.41 44.07
N ALA C 58 -2.56 -2.43 44.23
CA ALA C 58 -3.21 -3.35 45.15
C ALA C 58 -2.80 -4.79 44.84
N ALA C 59 -2.57 -5.07 43.56
CA ALA C 59 -2.17 -6.41 43.15
C ALA C 59 -0.65 -6.58 43.25
N ARG C 60 0.06 -5.46 43.23
CA ARG C 60 1.51 -5.45 43.33
C ARG C 60 2.02 -4.09 43.81
N ALA C 61 2.45 -4.04 45.06
CA ALA C 61 2.95 -2.81 45.66
C ALA C 61 3.94 -2.08 44.75
N GLY C 62 3.71 -0.78 44.57
CA GLY C 62 4.59 0.03 43.75
C GLY C 62 4.78 -0.42 42.31
N SER C 63 3.74 -0.96 41.68
CA SER C 63 3.85 -1.40 40.29
C SER C 63 3.14 -0.44 39.34
N ALA C 64 2.54 0.61 39.88
CA ALA C 64 1.82 1.55 39.05
C ALA C 64 1.81 2.99 39.57
N VAL C 65 1.86 3.93 38.64
CA VAL C 65 1.83 5.35 38.96
C VAL C 65 1.09 6.03 37.80
N LEU C 66 0.66 7.26 38.02
CA LEU C 66 -0.06 7.99 36.99
C LEU C 66 0.69 9.28 36.65
N CYS C 67 0.38 9.83 35.48
CA CYS C 67 1.03 11.05 35.00
C CYS C 67 0.04 11.84 34.15
N LYS C 68 -0.21 13.08 34.55
CA LYS C 68 -1.14 13.94 33.84
C LYS C 68 -0.42 14.82 32.82
N GLY C 69 -1.01 14.97 31.64
CA GLY C 69 -0.39 15.79 30.62
C GLY C 69 -1.22 15.99 29.36
N ASP C 70 -1.36 17.25 28.94
CA ASP C 70 -2.12 17.56 27.73
C ASP C 70 -1.16 17.33 26.56
N LEU C 71 -1.60 16.59 25.54
CA LEU C 71 -0.74 16.28 24.41
C LEU C 71 -1.03 17.08 23.15
N SER C 72 -1.79 18.16 23.28
CA SER C 72 -2.10 19.03 22.16
C SER C 72 -0.83 19.81 21.80
N LEU C 73 -0.77 20.33 20.59
CA LEU C 73 0.36 21.12 20.17
C LEU C 73 0.39 22.40 20.99
N SER C 74 1.55 22.77 21.53
CA SER C 74 1.70 24.01 22.29
C SER C 74 3.18 24.21 22.59
N SER C 75 3.51 25.35 23.20
CA SER C 75 4.89 25.64 23.57
C SER C 75 5.34 24.72 24.69
N SER C 76 4.38 24.14 25.42
CA SER C 76 4.69 23.25 26.54
C SER C 76 4.81 21.76 26.16
N LEU C 77 4.20 21.38 25.04
CA LEU C 77 4.21 19.98 24.60
C LEU C 77 5.55 19.26 24.72
N LEU C 78 6.60 19.84 24.16
CA LEU C 78 7.92 19.23 24.20
C LEU C 78 8.32 18.88 25.64
N ASP C 79 8.19 19.86 26.53
CA ASP C 79 8.56 19.64 27.92
C ASP C 79 7.68 18.62 28.58
N CYS C 80 6.37 18.73 28.33
CA CYS C 80 5.41 17.78 28.88
C CYS C 80 5.77 16.35 28.50
N CYS C 81 5.99 16.12 27.20
CA CYS C 81 6.35 14.78 26.75
C CYS C 81 7.62 14.27 27.43
N GLU C 82 8.58 15.16 27.66
CA GLU C 82 9.83 14.79 28.32
C GLU C 82 9.54 14.27 29.73
N ASP C 83 8.64 14.96 30.43
CA ASP C 83 8.27 14.59 31.78
C ASP C 83 7.49 13.29 31.84
N ILE C 84 6.72 13.01 30.81
CA ILE C 84 5.95 11.77 30.77
C ILE C 84 6.92 10.58 30.77
N ILE C 85 7.96 10.67 29.96
CA ILE C 85 8.96 9.61 29.88
C ILE C 85 9.78 9.63 31.17
N ASP C 86 10.05 10.83 31.64
CA ASP C 86 10.83 11.03 32.86
C ASP C 86 10.13 10.36 34.05
N CYS C 87 8.79 10.40 34.03
CA CYS C 87 7.99 9.80 35.08
C CYS C 87 8.32 8.32 35.28
N SER C 88 8.47 7.61 34.16
CA SER C 88 8.79 6.19 34.22
C SER C 88 10.15 5.98 34.87
N PHE C 89 11.07 6.89 34.62
CA PHE C 89 12.41 6.80 35.17
C PHE C 89 12.46 7.19 36.64
N ARG C 90 11.52 8.02 37.07
CA ARG C 90 11.46 8.47 38.45
C ARG C 90 10.81 7.42 39.33
N ALA C 91 9.79 6.74 38.82
CA ALA C 91 9.10 5.72 39.61
C ALA C 91 9.64 4.31 39.47
N PHE C 92 10.33 4.01 38.37
CA PHE C 92 10.85 2.67 38.15
C PHE C 92 12.30 2.63 37.70
N GLY C 93 12.90 3.81 37.50
CA GLY C 93 14.30 3.89 37.10
C GLY C 93 14.60 3.32 35.73
N ARG C 94 13.57 3.22 34.90
CA ARG C 94 13.71 2.66 33.57
C ARG C 94 12.41 2.76 32.78
N CYS C 95 12.52 2.54 31.48
CA CYS C 95 11.36 2.58 30.59
C CYS C 95 11.69 1.69 29.40
N ASP C 96 10.98 0.57 29.28
CA ASP C 96 11.22 -0.38 28.21
C ASP C 96 10.17 -0.33 27.10
N VAL C 97 8.98 0.15 27.43
CA VAL C 97 7.89 0.18 26.46
C VAL C 97 7.09 1.47 26.47
N LEU C 98 6.78 1.95 25.27
CA LEU C 98 5.97 3.15 25.09
C LEU C 98 4.78 2.82 24.19
N VAL C 99 3.58 3.06 24.68
CA VAL C 99 2.39 2.81 23.89
C VAL C 99 1.68 4.16 23.66
N ASN C 100 1.76 4.64 22.41
CA ASN C 100 1.14 5.89 21.99
C ASN C 100 -0.31 5.63 21.64
N ASN C 101 -1.12 5.54 22.69
CA ASN C 101 -2.54 5.25 22.56
C ASN C 101 -3.43 6.48 22.63
N ALA C 102 -3.04 7.48 23.42
CA ALA C 102 -3.82 8.71 23.56
C ALA C 102 -4.21 9.27 22.18
N SER C 103 -5.46 9.70 22.02
CA SER C 103 -5.89 10.21 20.71
C SER C 103 -7.20 10.99 20.68
N ALA C 104 -7.17 12.17 20.07
CA ALA C 104 -8.39 12.96 19.94
C ALA C 104 -9.03 12.48 18.63
N TYR C 105 -10.35 12.48 18.56
CA TYR C 105 -11.06 12.02 17.37
C TYR C 105 -12.42 12.71 17.27
N TYR C 106 -12.57 13.57 16.27
CA TYR C 106 -13.81 14.30 16.03
C TYR C 106 -13.75 14.97 14.67
N PRO C 107 -14.92 15.32 14.09
CA PRO C 107 -14.96 15.96 12.77
C PRO C 107 -14.39 17.36 12.62
N THR C 108 -13.89 17.62 11.42
CA THR C 108 -13.31 18.88 11.00
C THR C 108 -13.69 18.98 9.51
N PRO C 109 -14.98 19.11 9.21
CA PRO C 109 -15.45 19.20 7.82
C PRO C 109 -14.87 20.32 6.97
N LEU C 110 -14.55 20.00 5.71
CA LEU C 110 -13.96 20.98 4.80
C LEU C 110 -14.97 22.03 4.38
N LEU C 111 -16.24 21.63 4.26
CA LEU C 111 -17.29 22.59 3.89
C LEU C 111 -18.20 22.75 5.08
N PRO C 112 -18.64 23.98 5.36
CA PRO C 112 -19.54 24.29 6.48
C PRO C 112 -20.79 23.41 6.53
N PRO C 124 -12.60 26.24 17.07
CA PRO C 124 -11.71 26.89 16.11
C PRO C 124 -10.79 25.88 15.43
N ILE C 125 -10.69 25.98 14.11
CA ILE C 125 -9.90 25.05 13.31
C ILE C 125 -8.45 24.81 13.74
N ASP C 126 -7.61 25.83 13.79
CA ASP C 126 -6.23 25.59 14.17
C ASP C 126 -6.14 25.00 15.58
N ALA C 127 -7.15 25.26 16.42
CA ALA C 127 -7.14 24.70 17.76
C ALA C 127 -7.50 23.21 17.63
N GLN C 128 -8.26 22.86 16.59
CA GLN C 128 -8.62 21.47 16.39
C GLN C 128 -7.37 20.80 15.86
N VAL C 129 -6.67 21.47 14.97
CA VAL C 129 -5.43 20.95 14.40
C VAL C 129 -4.44 20.71 15.54
N ALA C 130 -4.42 21.61 16.51
CA ALA C 130 -3.50 21.49 17.64
C ALA C 130 -3.79 20.25 18.48
N GLU C 131 -5.07 19.97 18.66
CA GLU C 131 -5.48 18.84 19.48
C GLU C 131 -5.41 17.51 18.74
N LEU C 132 -5.77 17.52 17.46
CA LEU C 132 -5.77 16.31 16.66
C LEU C 132 -4.37 15.85 16.29
N PHE C 133 -3.54 16.79 15.83
CA PHE C 133 -2.16 16.51 15.45
C PHE C 133 -1.23 16.31 16.63
N GLY C 134 -1.51 17.00 17.73
CA GLY C 134 -0.69 16.85 18.91
C GLY C 134 -0.80 15.43 19.44
N SER C 135 -2.02 15.03 19.81
CA SER C 135 -2.26 13.70 20.37
C SER C 135 -1.95 12.51 19.48
N ASN C 136 -2.28 12.60 18.20
CA ASN C 136 -2.08 11.49 17.29
C ASN C 136 -0.74 11.38 16.60
N ALA C 137 -0.01 12.50 16.51
CA ALA C 137 1.26 12.49 15.80
C ALA C 137 2.45 13.21 16.44
N VAL C 138 2.30 14.48 16.77
CA VAL C 138 3.43 15.20 17.35
C VAL C 138 3.88 14.76 18.74
N ALA C 139 2.95 14.50 19.65
CA ALA C 139 3.31 14.04 21.00
C ALA C 139 4.04 12.69 20.87
N PRO C 140 3.46 11.73 20.10
CA PRO C 140 4.12 10.44 19.93
C PRO C 140 5.57 10.64 19.47
N LEU C 141 5.76 11.58 18.54
CA LEU C 141 7.10 11.91 18.04
C LEU C 141 7.98 12.41 19.19
N PHE C 142 7.52 13.41 19.94
CA PHE C 142 8.30 13.91 21.06
C PHE C 142 8.51 12.82 22.12
N LEU C 143 7.51 11.95 22.31
CA LEU C 143 7.63 10.88 23.30
C LEU C 143 8.67 9.84 22.86
N ILE C 144 8.63 9.45 21.59
CA ILE C 144 9.60 8.46 21.10
C ILE C 144 11.01 9.06 21.16
N ARG C 145 11.11 10.35 20.85
CA ARG C 145 12.37 11.07 20.86
C ARG C 145 12.98 11.06 22.26
N ALA C 146 12.17 11.43 23.26
CA ALA C 146 12.62 11.43 24.65
C ALA C 146 12.99 10.00 25.10
N PHE C 147 12.08 9.06 24.83
CA PHE C 147 12.25 7.66 25.17
C PHE C 147 13.60 7.11 24.69
N ALA C 148 13.88 7.30 23.40
CA ALA C 148 15.13 6.80 22.83
C ALA C 148 16.38 7.47 23.41
N ARG C 149 16.29 8.77 23.67
CA ARG C 149 17.44 9.50 24.20
C ARG C 149 17.80 9.10 25.62
N ARG C 150 16.81 8.60 26.36
CA ARG C 150 17.05 8.21 27.74
C ARG C 150 17.50 6.77 27.96
N GLN C 151 17.60 5.99 26.89
CA GLN C 151 18.03 4.60 27.02
C GLN C 151 19.55 4.51 27.13
N SER C 159 20.90 -8.07 26.75
CA SER C 159 20.19 -6.80 26.88
C SER C 159 18.75 -7.04 27.34
N ARG C 160 17.87 -6.11 26.98
CA ARG C 160 16.46 -6.20 27.34
C ARG C 160 15.59 -6.24 26.08
N ASN C 161 14.36 -5.71 26.17
CA ASN C 161 13.44 -5.71 25.03
C ASN C 161 12.70 -4.38 24.92
N LEU C 162 13.32 -3.42 24.24
CA LEU C 162 12.74 -2.10 24.06
C LEU C 162 11.85 -2.04 22.83
N SER C 163 10.67 -1.43 22.97
CA SER C 163 9.78 -1.29 21.81
C SER C 163 8.73 -0.22 22.03
N VAL C 164 8.23 0.30 20.92
CA VAL C 164 7.21 1.32 20.93
C VAL C 164 6.05 0.74 20.14
N VAL C 165 4.82 1.05 20.53
CA VAL C 165 3.66 0.58 19.78
C VAL C 165 2.71 1.76 19.62
N ASN C 166 2.42 2.12 18.38
CA ASN C 166 1.51 3.21 18.12
C ASN C 166 0.12 2.65 17.82
N LEU C 167 -0.92 3.29 18.35
CA LEU C 167 -2.25 2.86 18.02
C LEU C 167 -2.62 3.62 16.76
N CYS C 168 -2.82 2.89 15.67
CA CYS C 168 -3.18 3.48 14.39
C CYS C 168 -4.66 3.28 14.14
N ASP C 169 -5.06 3.30 12.87
CA ASP C 169 -6.46 3.15 12.49
C ASP C 169 -6.49 2.51 11.11
N ALA C 170 -6.91 1.25 11.06
CA ALA C 170 -6.97 0.51 9.80
C ALA C 170 -7.84 1.18 8.71
N MET C 171 -8.89 1.89 9.11
CA MET C 171 -9.79 2.53 8.16
C MET C 171 -9.36 3.86 7.54
N THR C 172 -8.27 4.45 8.03
CA THR C 172 -7.83 5.73 7.49
C THR C 172 -7.46 5.69 5.99
N ASP C 173 -7.51 4.50 5.38
CA ASP C 173 -7.24 4.40 3.94
C ASP C 173 -8.53 4.71 3.22
N LEU C 174 -9.63 4.62 3.96
CA LEU C 174 -10.97 4.92 3.45
C LEU C 174 -11.41 6.09 4.32
N PRO C 175 -10.80 7.27 4.10
CA PRO C 175 -11.09 8.49 4.86
C PRO C 175 -12.56 8.72 5.18
N LEU C 176 -12.89 8.65 6.46
CA LEU C 176 -14.27 8.89 6.88
C LEU C 176 -14.58 10.35 6.55
N PRO C 177 -15.57 10.60 5.69
CA PRO C 177 -15.94 11.98 5.33
C PRO C 177 -16.09 12.90 6.55
N GLY C 178 -15.47 14.06 6.48
CA GLY C 178 -15.57 15.00 7.57
C GLY C 178 -14.49 14.87 8.63
N PHE C 179 -13.62 13.87 8.54
CA PHE C 179 -12.56 13.69 9.54
C PHE C 179 -11.16 13.90 8.99
N CYS C 180 -11.04 14.86 8.07
CA CYS C 180 -9.79 15.18 7.43
C CYS C 180 -8.56 15.29 8.33
N VAL C 181 -8.60 16.21 9.31
CA VAL C 181 -7.46 16.41 10.19
C VAL C 181 -7.07 15.16 11.00
N TYR C 182 -8.07 14.46 11.52
CA TYR C 182 -7.80 13.23 12.26
C TYR C 182 -7.11 12.25 11.30
N THR C 183 -7.61 12.16 10.06
CA THR C 183 -7.04 11.24 9.08
C THR C 183 -5.59 11.59 8.77
N MET C 184 -5.33 12.87 8.53
CA MET C 184 -3.98 13.33 8.25
C MET C 184 -3.04 12.98 9.40
N ALA C 185 -3.51 13.19 10.63
CA ALA C 185 -2.68 12.90 11.80
C ALA C 185 -2.31 11.41 11.92
N LYS C 186 -3.28 10.53 11.72
CA LYS C 186 -3.00 9.10 11.78
C LYS C 186 -2.01 8.71 10.69
N HIS C 187 -2.15 9.30 9.50
CA HIS C 187 -1.21 9.02 8.43
C HIS C 187 0.20 9.44 8.86
N ALA C 188 0.31 10.59 9.52
CA ALA C 188 1.62 11.05 9.98
C ALA C 188 2.19 10.05 10.99
N LEU C 189 1.31 9.49 11.83
CA LEU C 189 1.74 8.50 12.82
C LEU C 189 2.30 7.25 12.13
N GLY C 190 1.63 6.82 11.06
CA GLY C 190 2.11 5.68 10.31
C GLY C 190 3.51 5.99 9.76
N GLY C 191 3.69 7.22 9.29
CA GLY C 191 4.99 7.63 8.77
C GLY C 191 6.03 7.56 9.90
N LEU C 192 5.63 8.02 11.08
CA LEU C 192 6.50 8.00 12.26
C LEU C 192 6.91 6.57 12.61
N THR C 193 5.93 5.67 12.58
CA THR C 193 6.18 4.27 12.91
C THR C 193 7.31 3.70 12.08
N ARG C 194 7.28 3.96 10.77
CA ARG C 194 8.31 3.46 9.88
C ARG C 194 9.63 4.21 9.92
N ALA C 195 9.58 5.53 10.02
CA ALA C 195 10.81 6.33 10.08
C ALA C 195 11.54 5.99 11.39
N ALA C 196 10.81 5.99 12.51
CA ALA C 196 11.44 5.67 13.79
C ALA C 196 11.98 4.25 13.81
N ALA C 197 11.23 3.30 13.27
CA ALA C 197 11.66 1.90 13.26
C ALA C 197 13.03 1.78 12.60
N LEU C 198 13.17 2.35 11.41
CA LEU C 198 14.42 2.29 10.70
C LEU C 198 15.53 3.01 11.45
N GLU C 199 15.28 4.25 11.86
CA GLU C 199 16.29 5.03 12.57
C GLU C 199 16.74 4.49 13.94
N LEU C 200 15.83 3.88 14.69
CA LEU C 200 16.18 3.35 16.01
C LEU C 200 16.63 1.88 16.01
N ALA C 201 16.64 1.24 14.84
CA ALA C 201 17.05 -0.16 14.76
C ALA C 201 18.44 -0.41 15.35
N PRO C 202 19.42 0.45 15.02
CA PRO C 202 20.79 0.32 15.53
C PRO C 202 20.84 0.40 17.05
N ARG C 203 19.85 1.11 17.61
CA ARG C 203 19.75 1.28 19.06
C ARG C 203 18.94 0.14 19.67
N HIS C 204 18.51 -0.81 18.85
CA HIS C 204 17.73 -1.95 19.34
C HIS C 204 16.33 -1.60 19.86
N ILE C 205 15.73 -0.53 19.36
CA ILE C 205 14.37 -0.18 19.79
C ILE C 205 13.43 -0.49 18.63
N ARG C 206 12.47 -1.39 18.86
CA ARG C 206 11.52 -1.74 17.81
C ARG C 206 10.34 -0.79 17.88
N VAL C 207 9.88 -0.33 16.72
CA VAL C 207 8.74 0.58 16.65
C VAL C 207 7.72 -0.05 15.72
N ASN C 208 6.53 -0.34 16.26
CA ASN C 208 5.45 -0.94 15.49
C ASN C 208 4.11 -0.29 15.82
N ALA C 209 3.07 -0.76 15.16
CA ALA C 209 1.75 -0.21 15.39
C ALA C 209 0.70 -1.31 15.34
N VAL C 210 -0.43 -1.03 15.98
CA VAL C 210 -1.56 -1.93 15.98
C VAL C 210 -2.66 -1.02 15.41
N ALA C 211 -3.33 -1.48 14.35
CA ALA C 211 -4.38 -0.70 13.73
C ALA C 211 -5.77 -1.31 13.87
N PRO C 212 -6.54 -0.82 14.86
CA PRO C 212 -7.87 -1.38 15.03
C PRO C 212 -8.73 -0.88 13.88
N GLY C 213 -9.78 -1.64 13.56
CA GLY C 213 -10.74 -1.28 12.58
C GLY C 213 -11.87 -0.68 13.34
N LEU C 214 -12.91 -1.47 13.64
CA LEU C 214 -14.00 -0.97 14.48
C LEU C 214 -13.81 -1.56 15.87
N SER C 215 -13.55 -0.72 16.86
CA SER C 215 -13.43 -1.24 18.22
C SER C 215 -14.46 -0.52 19.09
N LEU C 216 -14.13 -0.25 20.35
CA LEU C 216 -15.09 0.39 21.26
C LEU C 216 -15.82 1.62 20.69
N LEU C 217 -17.14 1.51 20.61
CA LEU C 217 -17.99 2.58 20.10
C LEU C 217 -18.15 3.70 21.13
N PRO C 218 -18.52 4.91 20.67
CA PRO C 218 -18.72 6.04 21.58
C PRO C 218 -19.82 5.65 22.55
N PRO C 219 -19.57 5.79 23.86
CA PRO C 219 -20.56 5.42 24.87
C PRO C 219 -21.92 6.10 24.70
N ALA C 220 -21.93 7.32 24.15
CA ALA C 220 -23.18 8.05 23.96
C ALA C 220 -23.94 7.71 22.67
N MET C 221 -23.31 6.93 21.79
CA MET C 221 -23.96 6.55 20.53
C MET C 221 -25.17 5.64 20.78
N PRO C 222 -26.32 5.97 20.15
CA PRO C 222 -27.53 5.16 20.30
C PRO C 222 -27.24 3.73 19.85
N GLN C 223 -27.84 2.76 20.52
CA GLN C 223 -27.63 1.35 20.18
C GLN C 223 -27.97 1.02 18.73
N GLU C 224 -29.04 1.62 18.22
CA GLU C 224 -29.43 1.37 16.84
C GLU C 224 -28.24 1.70 15.96
N THR C 225 -27.69 2.89 16.15
CA THR C 225 -26.54 3.34 15.39
C THR C 225 -25.35 2.40 15.61
N GLN C 226 -25.13 2.00 16.87
CA GLN C 226 -24.02 1.09 17.20
C GLN C 226 -24.18 -0.23 16.47
N GLU C 227 -25.41 -0.70 16.41
CA GLU C 227 -25.71 -1.96 15.76
C GLU C 227 -25.40 -1.85 14.26
N GLU C 228 -25.77 -0.73 13.65
CA GLU C 228 -25.52 -0.52 12.23
C GLU C 228 -24.03 -0.65 11.93
N TYR C 229 -23.19 -0.08 12.78
CA TYR C 229 -21.74 -0.17 12.62
C TYR C 229 -21.25 -1.60 12.78
N ARG C 230 -21.72 -2.28 13.81
CA ARG C 230 -21.33 -3.65 14.09
C ARG C 230 -21.64 -4.62 12.95
N ARG C 231 -22.82 -4.49 12.36
CA ARG C 231 -23.20 -5.38 11.27
C ARG C 231 -22.30 -5.30 10.05
N LYS C 232 -21.48 -4.26 9.97
CA LYS C 232 -20.57 -4.11 8.84
C LYS C 232 -19.31 -4.96 8.92
N VAL C 233 -18.92 -5.34 10.13
CA VAL C 233 -17.72 -6.17 10.33
C VAL C 233 -17.98 -7.58 9.79
N PRO C 234 -17.19 -8.01 8.78
CA PRO C 234 -17.33 -9.34 8.14
C PRO C 234 -17.13 -10.53 9.07
N LEU C 235 -16.20 -10.40 10.00
CA LEU C 235 -15.92 -11.48 10.94
C LEU C 235 -16.71 -11.28 12.21
N GLY C 236 -17.88 -11.91 12.29
CA GLY C 236 -18.70 -11.83 13.51
C GLY C 236 -19.65 -10.66 13.71
N GLN C 237 -19.71 -9.70 12.80
CA GLN C 237 -20.61 -8.55 12.97
C GLN C 237 -20.47 -7.97 14.38
N SER C 238 -19.23 -7.75 14.78
CA SER C 238 -18.94 -7.22 16.10
C SER C 238 -17.66 -6.39 16.09
N GLU C 239 -17.58 -5.40 16.97
CA GLU C 239 -16.40 -4.56 17.04
C GLU C 239 -15.39 -5.36 17.85
N ALA C 240 -14.14 -4.96 17.79
CA ALA C 240 -13.11 -5.64 18.56
C ALA C 240 -13.21 -5.14 19.99
N SER C 241 -12.97 -6.05 20.94
CA SER C 241 -13.03 -5.71 22.34
C SER C 241 -11.68 -5.09 22.68
N ALA C 242 -11.61 -4.30 23.75
CA ALA C 242 -10.35 -3.69 24.14
C ALA C 242 -9.31 -4.79 24.38
N ALA C 243 -9.75 -5.93 24.89
CA ALA C 243 -8.84 -7.04 25.17
C ALA C 243 -8.24 -7.66 23.91
N GLN C 244 -9.00 -7.68 22.82
CA GLN C 244 -8.48 -8.22 21.57
C GLN C 244 -7.44 -7.24 21.02
N ILE C 245 -7.66 -5.94 21.20
CA ILE C 245 -6.68 -4.95 20.74
C ILE C 245 -5.45 -5.11 21.65
N ALA C 246 -5.70 -5.27 22.94
CA ALA C 246 -4.61 -5.43 23.91
C ALA C 246 -3.76 -6.66 23.63
N ASP C 247 -4.37 -7.71 23.06
CA ASP C 247 -3.68 -8.96 22.72
C ASP C 247 -2.61 -8.68 21.67
N ALA C 248 -2.97 -7.90 20.65
CA ALA C 248 -2.07 -7.55 19.55
C ALA C 248 -0.88 -6.77 20.09
N ILE C 249 -1.14 -5.84 20.99
CA ILE C 249 -0.09 -5.03 21.58
C ILE C 249 0.83 -5.87 22.46
N ALA C 250 0.24 -6.80 23.21
CA ALA C 250 1.02 -7.66 24.09
C ALA C 250 1.95 -8.53 23.26
N PHE C 251 1.51 -8.91 22.07
CA PHE C 251 2.34 -9.73 21.19
C PHE C 251 3.53 -8.92 20.69
N LEU C 252 3.25 -7.73 20.17
CA LEU C 252 4.29 -6.87 19.62
C LEU C 252 5.34 -6.43 20.64
N VAL C 253 4.97 -6.38 21.93
CA VAL C 253 5.96 -6.00 22.93
C VAL C 253 6.73 -7.25 23.40
N SER C 254 6.12 -8.42 23.25
CA SER C 254 6.76 -9.66 23.69
C SER C 254 8.00 -10.08 22.89
N LYS C 255 8.65 -11.12 23.40
CA LYS C 255 9.85 -11.66 22.77
C LYS C 255 9.46 -12.38 21.48
N ASP C 256 8.20 -12.77 21.37
CA ASP C 256 7.74 -13.46 20.19
C ASP C 256 7.71 -12.56 18.95
N ALA C 257 8.03 -11.28 19.15
CA ALA C 257 8.07 -10.32 18.06
C ALA C 257 9.41 -9.62 18.01
N GLY C 258 10.44 -10.27 18.56
CA GLY C 258 11.77 -9.69 18.60
C GLY C 258 12.39 -9.33 17.26
N TYR C 259 11.90 -9.91 16.17
CA TYR C 259 12.46 -9.59 14.86
C TYR C 259 11.57 -8.60 14.15
N ILE C 260 10.45 -8.27 14.77
CA ILE C 260 9.47 -7.37 14.21
C ILE C 260 9.65 -5.89 14.54
N THR C 261 9.87 -5.09 13.50
CA THR C 261 10.00 -3.64 13.65
C THR C 261 9.53 -2.93 12.37
N GLY C 262 8.81 -1.83 12.54
CA GLY C 262 8.31 -1.10 11.40
C GLY C 262 7.03 -1.72 10.83
N THR C 263 6.40 -2.66 11.53
CA THR C 263 5.18 -3.24 10.97
C THR C 263 3.91 -2.78 11.67
N THR C 264 2.87 -2.58 10.87
CA THR C 264 1.57 -2.16 11.39
C THR C 264 0.68 -3.42 11.34
N LEU C 265 0.24 -3.86 12.51
CA LEU C 265 -0.61 -5.05 12.65
C LEU C 265 -2.09 -4.68 12.67
N LYS C 266 -2.75 -4.95 11.55
CA LYS C 266 -4.16 -4.66 11.42
C LYS C 266 -4.96 -5.68 12.23
N VAL C 267 -5.99 -5.20 12.93
CA VAL C 267 -6.87 -6.02 13.75
C VAL C 267 -8.27 -5.45 13.49
N ASP C 268 -8.86 -5.89 12.38
CA ASP C 268 -10.13 -5.35 11.92
C ASP C 268 -11.27 -6.29 11.54
N GLY C 269 -11.12 -7.60 11.73
CA GLY C 269 -12.20 -8.50 11.36
C GLY C 269 -12.59 -8.43 9.90
N GLY C 270 -11.68 -7.99 9.04
CA GLY C 270 -11.95 -7.92 7.61
C GLY C 270 -12.69 -6.66 7.14
N LEU C 271 -13.00 -5.75 8.06
CA LEU C 271 -13.74 -4.53 7.69
C LEU C 271 -13.13 -3.72 6.53
N ILE C 272 -11.82 -3.53 6.54
CA ILE C 272 -11.19 -2.73 5.46
C ILE C 272 -11.34 -3.35 4.07
N LEU C 273 -11.71 -4.62 4.03
CA LEU C 273 -11.87 -5.38 2.79
C LEU C 273 -13.22 -5.29 2.08
N ALA C 274 -14.23 -4.77 2.76
CA ALA C 274 -15.56 -4.69 2.15
C ALA C 274 -15.78 -3.46 1.28
N ARG C 275 -16.40 -3.67 0.12
CA ARG C 275 -16.70 -2.58 -0.80
C ARG C 275 -18.01 -1.97 -0.36
N ALA C 276 -18.18 -0.67 -0.64
CA ALA C 276 -19.41 0.04 -0.28
C ALA C 276 -20.60 -0.51 -1.06
N CYS D 11 -10.41 32.59 -19.05
CA CYS D 11 -9.16 31.83 -18.73
C CYS D 11 -9.08 31.44 -17.25
N PRO D 12 -8.83 30.16 -16.96
CA PRO D 12 -8.73 29.63 -15.61
C PRO D 12 -7.50 30.13 -14.83
N ALA D 13 -7.65 30.28 -13.52
CA ALA D 13 -6.57 30.76 -12.65
C ALA D 13 -5.98 29.64 -11.79
N ALA D 14 -4.66 29.70 -11.57
CA ALA D 14 -3.99 28.69 -10.76
C ALA D 14 -3.01 29.26 -9.73
N VAL D 15 -3.10 28.72 -8.51
CA VAL D 15 -2.21 29.12 -7.43
C VAL D 15 -1.08 28.09 -7.34
N ILE D 16 0.17 28.53 -7.34
CA ILE D 16 1.29 27.61 -7.21
C ILE D 16 2.13 28.04 -6.00
N THR D 17 2.11 27.24 -4.94
CA THR D 17 2.89 27.57 -3.75
C THR D 17 4.36 27.23 -4.01
N GLY D 18 5.25 28.10 -3.52
CA GLY D 18 6.67 27.90 -3.71
C GLY D 18 6.99 27.88 -5.20
N GLY D 19 6.27 28.70 -5.95
CA GLY D 19 6.47 28.71 -7.39
C GLY D 19 7.57 29.58 -7.96
N ALA D 20 8.41 30.17 -7.12
CA ALA D 20 9.48 31.04 -7.61
C ALA D 20 10.66 30.34 -8.29
N ARG D 21 11.05 29.18 -7.77
CA ARG D 21 12.18 28.47 -8.38
C ARG D 21 11.94 26.97 -8.52
N ARG D 22 12.96 26.31 -9.05
CA ARG D 22 12.97 24.87 -9.22
C ARG D 22 11.65 24.25 -9.71
N ILE D 23 11.20 23.17 -9.08
CA ILE D 23 9.98 22.50 -9.54
C ILE D 23 8.75 23.39 -9.61
N GLY D 24 8.50 24.16 -8.55
CA GLY D 24 7.36 25.05 -8.55
C GLY D 24 7.42 26.03 -9.73
N HIS D 25 8.61 26.55 -10.00
CA HIS D 25 8.84 27.50 -11.10
C HIS D 25 8.42 26.86 -12.43
N SER D 26 8.94 25.65 -12.68
CA SER D 26 8.64 24.91 -13.90
C SER D 26 7.14 24.66 -14.05
N ILE D 27 6.47 24.39 -12.94
CA ILE D 27 5.04 24.14 -12.95
C ILE D 27 4.25 25.40 -13.29
N ALA D 28 4.67 26.54 -12.72
CA ALA D 28 3.99 27.81 -12.98
C ALA D 28 4.07 28.15 -14.47
N VAL D 29 5.22 27.89 -15.07
CA VAL D 29 5.42 28.16 -16.48
C VAL D 29 4.62 27.22 -17.38
N ARG D 30 4.55 25.95 -17.02
CA ARG D 30 3.81 24.96 -17.81
C ARG D 30 2.33 25.30 -17.86
N LEU D 31 1.75 25.58 -16.70
CA LEU D 31 0.33 25.90 -16.63
C LEU D 31 0.04 27.22 -17.36
N HIS D 32 1.01 28.13 -17.34
CA HIS D 32 0.82 29.41 -18.01
C HIS D 32 0.85 29.16 -19.51
N GLN D 33 1.80 28.35 -19.96
CA GLN D 33 1.92 28.01 -21.37
C GLN D 33 0.62 27.37 -21.84
N GLN D 34 -0.18 26.89 -20.90
CA GLN D 34 -1.42 26.24 -21.26
C GLN D 34 -2.68 27.09 -21.08
N GLY D 35 -2.48 28.39 -20.86
CA GLY D 35 -3.62 29.28 -20.74
C GLY D 35 -3.95 29.77 -19.35
N PHE D 36 -3.38 29.12 -18.33
CA PHE D 36 -3.64 29.32 -16.91
C PHE D 36 -3.00 30.62 -16.39
N ARG D 37 -3.80 31.36 -15.58
CA ARG D 37 -3.30 32.61 -15.01
C ARG D 37 -2.75 32.39 -13.60
N VAL D 38 -1.41 32.26 -13.52
CA VAL D 38 -0.77 31.53 -12.42
C VAL D 38 -0.34 32.48 -11.31
N VAL D 39 -0.79 32.16 -10.09
CA VAL D 39 -0.43 32.99 -8.94
C VAL D 39 0.92 32.58 -8.34
N VAL D 40 2.01 33.33 -8.38
CA VAL D 40 3.30 32.83 -7.94
C VAL D 40 3.57 33.15 -6.47
N HIS D 41 3.23 32.21 -5.59
CA HIS D 41 3.47 32.42 -4.17
C HIS D 41 4.92 32.12 -3.82
N TYR D 42 5.42 32.78 -2.78
CA TYR D 42 6.79 32.58 -2.34
C TYR D 42 6.90 33.07 -0.90
N ARG D 43 8.08 32.91 -0.32
CA ARG D 43 8.31 33.39 1.03
C ARG D 43 9.61 34.18 1.08
N HIS D 44 10.71 33.55 0.70
CA HIS D 44 12.04 34.18 0.69
C HIS D 44 12.55 34.53 -0.70
N SER D 45 12.05 33.86 -1.72
CA SER D 45 12.52 34.12 -3.09
C SER D 45 11.80 35.24 -3.84
N GLU D 46 11.78 36.45 -3.29
CA GLU D 46 11.12 37.59 -3.93
C GLU D 46 11.69 37.91 -5.31
N GLY D 47 13.01 38.03 -5.38
CA GLY D 47 13.65 38.33 -6.65
C GLY D 47 13.27 37.37 -7.77
N ALA D 48 13.36 36.08 -7.49
CA ALA D 48 13.04 35.04 -8.47
C ALA D 48 11.57 35.09 -8.87
N ALA D 49 10.70 35.31 -7.88
CA ALA D 49 9.26 35.38 -8.12
C ALA D 49 8.94 36.60 -8.98
N GLN D 50 9.65 37.69 -8.71
CA GLN D 50 9.46 38.93 -9.45
C GLN D 50 9.84 38.74 -10.91
N ARG D 51 10.98 38.11 -11.14
CA ARG D 51 11.45 37.87 -12.50
C ARG D 51 10.49 36.95 -13.25
N LEU D 52 9.94 35.95 -12.55
CA LEU D 52 9.02 35.02 -13.19
C LEU D 52 7.73 35.72 -13.61
N VAL D 53 7.14 36.47 -12.70
CA VAL D 53 5.90 37.16 -13.01
C VAL D 53 6.11 38.12 -14.17
N ALA D 54 7.29 38.72 -14.25
CA ALA D 54 7.60 39.64 -15.33
C ALA D 54 7.72 38.86 -16.65
N GLU D 55 8.45 37.75 -16.62
CA GLU D 55 8.62 36.93 -17.82
C GLU D 55 7.30 36.39 -18.36
N LEU D 56 6.37 36.08 -17.45
CA LEU D 56 5.07 35.56 -17.86
C LEU D 56 4.17 36.67 -18.37
N ASN D 57 4.07 37.76 -17.61
CA ASN D 57 3.25 38.90 -18.00
C ASN D 57 3.76 39.55 -19.27
N ALA D 58 5.01 39.25 -19.61
CA ALA D 58 5.61 39.79 -20.81
C ALA D 58 4.95 39.10 -22.00
N ALA D 59 4.76 37.79 -21.90
CA ALA D 59 4.14 37.02 -22.97
C ALA D 59 2.64 37.24 -23.00
N ARG D 60 2.08 37.59 -21.86
CA ARG D 60 0.64 37.84 -21.74
C ARG D 60 0.37 38.79 -20.59
N ALA D 61 -0.11 39.98 -20.93
CA ALA D 61 -0.41 41.00 -19.94
C ALA D 61 -1.38 40.53 -18.87
N GLY D 62 -1.08 40.89 -17.62
CA GLY D 62 -1.92 40.52 -16.50
C GLY D 62 -2.26 39.04 -16.37
N SER D 63 -1.33 38.18 -16.77
CA SER D 63 -1.55 36.74 -16.70
C SER D 63 -0.77 36.15 -15.52
N ALA D 64 -0.22 37.03 -14.69
CA ALA D 64 0.55 36.58 -13.54
C ALA D 64 0.71 37.62 -12.45
N VAL D 65 0.75 37.15 -11.21
CA VAL D 65 0.92 37.99 -10.04
C VAL D 65 1.61 37.14 -8.98
N LEU D 66 2.31 37.78 -8.06
CA LEU D 66 3.00 37.06 -7.00
C LEU D 66 2.30 37.28 -5.65
N CYS D 67 2.61 36.42 -4.68
CA CYS D 67 1.99 36.48 -3.37
C CYS D 67 2.93 35.90 -2.32
N LYS D 68 3.30 36.72 -1.34
CA LYS D 68 4.22 36.30 -0.28
C LYS D 68 3.48 35.75 0.93
N GLY D 69 4.05 34.71 1.55
CA GLY D 69 3.41 34.14 2.71
C GLY D 69 4.15 32.97 3.33
N ASP D 70 4.38 33.06 4.63
CA ASP D 70 5.06 31.99 5.37
C ASP D 70 4.02 30.91 5.69
N LEU D 71 4.34 29.67 5.36
CA LEU D 71 3.41 28.57 5.56
C LEU D 71 3.68 27.73 6.80
N SER D 72 4.63 28.19 7.62
CA SER D 72 4.98 27.49 8.86
C SER D 72 3.81 27.58 9.82
N LEU D 73 3.72 26.64 10.75
CA LEU D 73 2.65 26.69 11.75
C LEU D 73 2.80 27.95 12.62
N SER D 74 1.67 28.60 12.92
CA SER D 74 1.64 29.79 13.77
C SER D 74 0.20 30.27 13.85
N SER D 75 -0.07 31.25 14.71
CA SER D 75 -1.43 31.75 14.85
C SER D 75 -1.91 32.54 13.62
N SER D 76 -0.97 32.90 12.75
CA SER D 76 -1.31 33.65 11.54
C SER D 76 -1.49 32.76 10.30
N LEU D 77 -0.99 31.53 10.35
CA LEU D 77 -1.08 30.64 9.19
C LEU D 77 -2.45 30.57 8.52
N LEU D 78 -3.48 30.32 9.32
CA LEU D 78 -4.85 30.22 8.80
C LEU D 78 -5.23 31.42 7.95
N ASP D 79 -5.03 32.63 8.47
CA ASP D 79 -5.38 33.83 7.73
C ASP D 79 -4.52 33.96 6.49
N CYS D 80 -3.24 33.66 6.61
CA CYS D 80 -2.35 33.76 5.47
C CYS D 80 -2.85 32.91 4.30
N CYS D 81 -3.23 31.66 4.57
CA CYS D 81 -3.73 30.75 3.54
C CYS D 81 -5.03 31.30 2.90
N GLU D 82 -5.89 31.89 3.71
CA GLU D 82 -7.13 32.48 3.16
C GLU D 82 -6.74 33.57 2.16
N ASP D 83 -5.73 34.37 2.52
CA ASP D 83 -5.25 35.46 1.68
C ASP D 83 -4.56 34.98 0.40
N ILE D 84 -3.83 33.87 0.51
CA ILE D 84 -3.14 33.33 -0.65
C ILE D 84 -4.20 32.96 -1.68
N ILE D 85 -5.29 32.34 -1.23
CA ILE D 85 -6.38 31.96 -2.12
C ILE D 85 -7.13 33.21 -2.59
N ASP D 86 -7.40 34.12 -1.67
CA ASP D 86 -8.11 35.35 -1.99
C ASP D 86 -7.35 36.15 -3.05
N CYS D 87 -6.03 36.02 -3.03
CA CYS D 87 -5.18 36.72 -3.99
C CYS D 87 -5.51 36.33 -5.43
N SER D 88 -5.80 35.05 -5.66
CA SER D 88 -6.13 34.57 -7.00
C SER D 88 -7.45 35.18 -7.48
N PHE D 89 -8.36 35.40 -6.54
CA PHE D 89 -9.65 35.97 -6.87
C PHE D 89 -9.57 37.47 -7.15
N ARG D 90 -8.66 38.15 -6.47
CA ARG D 90 -8.48 39.59 -6.67
C ARG D 90 -7.83 39.83 -8.03
N ALA D 91 -6.82 39.04 -8.34
CA ALA D 91 -6.10 39.18 -9.59
C ALA D 91 -6.79 38.61 -10.81
N PHE D 92 -7.60 37.57 -10.61
CA PHE D 92 -8.28 36.95 -11.75
C PHE D 92 -9.77 36.69 -11.56
N GLY D 93 -10.30 37.02 -10.39
CA GLY D 93 -11.72 36.79 -10.15
C GLY D 93 -12.13 35.33 -10.07
N ARG D 94 -11.15 34.43 -10.03
CA ARG D 94 -11.44 32.99 -9.96
C ARG D 94 -10.20 32.22 -9.52
N CYS D 95 -10.37 30.93 -9.24
CA CYS D 95 -9.27 30.06 -8.84
C CYS D 95 -9.70 28.65 -9.21
N ASP D 96 -9.08 28.09 -10.24
CA ASP D 96 -9.46 26.77 -10.70
C ASP D 96 -8.52 25.68 -10.22
N VAL D 97 -7.24 26.00 -10.09
CA VAL D 97 -6.26 25.01 -9.67
C VAL D 97 -5.36 25.49 -8.53
N LEU D 98 -5.07 24.58 -7.61
CA LEU D 98 -4.19 24.83 -6.48
C LEU D 98 -3.08 23.79 -6.52
N VAL D 99 -1.82 24.22 -6.52
CA VAL D 99 -0.71 23.27 -6.52
C VAL D 99 0.10 23.46 -5.24
N ASN D 100 -0.05 22.52 -4.31
CA ASN D 100 0.69 22.59 -3.06
C ASN D 100 2.06 22.01 -3.33
N ASN D 101 2.99 22.87 -3.74
CA ASN D 101 4.36 22.47 -4.06
C ASN D 101 5.33 22.92 -2.96
N ALA D 102 5.05 24.07 -2.36
CA ALA D 102 5.90 24.64 -1.31
C ALA D 102 6.21 23.59 -0.24
N SER D 103 7.49 23.46 0.11
CA SER D 103 7.87 22.43 1.09
C SER D 103 9.26 22.56 1.72
N ALA D 104 9.32 22.52 3.05
CA ALA D 104 10.59 22.56 3.76
C ALA D 104 11.15 21.14 3.78
N TYR D 105 12.46 21.01 3.71
CA TYR D 105 13.10 19.70 3.68
C TYR D 105 14.49 19.67 4.31
N TYR D 106 14.60 19.07 5.49
CA TYR D 106 15.86 18.95 6.20
C TYR D 106 15.74 17.96 7.36
N PRO D 107 16.88 17.44 7.83
CA PRO D 107 16.87 16.49 8.94
C PRO D 107 16.44 16.97 10.32
N THR D 108 15.90 16.03 11.09
CA THR D 108 15.45 16.25 12.45
C THR D 108 15.77 14.93 13.14
N PRO D 109 17.06 14.58 13.23
CA PRO D 109 17.48 13.32 13.86
C PRO D 109 16.93 13.09 15.27
N LEU D 110 16.48 11.86 15.50
CA LEU D 110 15.92 11.50 16.81
C LEU D 110 16.96 11.58 17.93
N LEU D 111 18.19 11.12 17.67
CA LEU D 111 19.25 11.20 18.67
C LEU D 111 20.20 12.34 18.28
N PRO D 112 20.74 13.05 19.26
CA PRO D 112 21.66 14.18 19.03
C PRO D 112 22.79 13.90 18.03
N PRO D 124 16.02 24.94 16.41
CA PRO D 124 15.22 24.35 17.49
C PRO D 124 14.08 23.47 16.97
N ILE D 125 13.93 22.31 17.59
CA ILE D 125 12.94 21.30 17.21
C ILE D 125 11.51 21.74 16.92
N ASP D 126 10.83 22.39 17.86
CA ASP D 126 9.46 22.76 17.55
C ASP D 126 9.36 23.83 16.48
N ALA D 127 10.50 24.46 16.16
CA ALA D 127 10.53 25.46 15.11
C ALA D 127 10.65 24.65 13.80
N GLN D 128 11.28 23.48 13.88
CA GLN D 128 11.42 22.61 12.72
C GLN D 128 10.06 21.95 12.47
N VAL D 129 9.40 21.60 13.55
CA VAL D 129 8.09 20.96 13.48
C VAL D 129 7.13 21.94 12.81
N ALA D 130 7.19 23.19 13.23
CA ALA D 130 6.31 24.23 12.72
C ALA D 130 6.51 24.47 11.23
N GLU D 131 7.76 24.48 10.79
CA GLU D 131 8.05 24.72 9.39
C GLU D 131 7.81 23.49 8.50
N LEU D 132 8.21 22.32 8.97
CA LEU D 132 8.05 21.09 8.19
C LEU D 132 6.59 20.68 8.07
N PHE D 133 5.91 20.61 9.20
CA PHE D 133 4.50 20.26 9.20
C PHE D 133 3.60 21.33 8.58
N GLY D 134 4.00 22.59 8.74
CA GLY D 134 3.21 23.67 8.17
C GLY D 134 3.22 23.71 6.64
N SER D 135 4.40 23.74 6.05
CA SER D 135 4.52 23.80 4.59
C SER D 135 4.06 22.53 3.86
N ASN D 136 4.37 21.37 4.44
CA ASN D 136 4.03 20.09 3.82
C ASN D 136 2.63 19.54 4.07
N ALA D 137 2.00 19.95 5.16
CA ALA D 137 0.69 19.39 5.48
C ALA D 137 -0.41 20.35 5.94
N VAL D 138 -0.14 21.13 6.99
CA VAL D 138 -1.15 22.02 7.51
C VAL D 138 -1.53 23.18 6.59
N ALA D 139 -0.56 23.78 5.89
CA ALA D 139 -0.93 24.87 4.98
C ALA D 139 -1.78 24.31 3.83
N PRO D 140 -1.33 23.22 3.17
CA PRO D 140 -2.11 22.63 2.09
C PRO D 140 -3.55 22.39 2.55
N LEU D 141 -3.70 21.92 3.80
CA LEU D 141 -5.02 21.67 4.36
C LEU D 141 -5.86 22.96 4.37
N PHE D 142 -5.33 24.00 5.02
CA PHE D 142 -6.01 25.30 5.11
C PHE D 142 -6.24 25.88 3.72
N LEU D 143 -5.26 25.70 2.83
CA LEU D 143 -5.40 26.21 1.47
C LEU D 143 -6.49 25.44 0.73
N ILE D 144 -6.49 24.12 0.85
CA ILE D 144 -7.52 23.33 0.17
C ILE D 144 -8.89 23.73 0.72
N ARG D 145 -8.97 23.84 2.03
CA ARG D 145 -10.21 24.21 2.70
C ARG D 145 -10.73 25.55 2.14
N ALA D 146 -9.88 26.58 2.18
CA ALA D 146 -10.25 27.90 1.65
C ALA D 146 -10.58 27.84 0.16
N PHE D 147 -9.75 27.12 -0.60
CA PHE D 147 -9.99 26.99 -2.03
C PHE D 147 -11.38 26.42 -2.29
N ALA D 148 -11.80 25.46 -1.47
CA ALA D 148 -13.10 24.83 -1.64
C ALA D 148 -14.29 25.72 -1.28
N ARG D 149 -14.21 26.39 -0.14
CA ARG D 149 -15.30 27.24 0.33
C ARG D 149 -15.57 28.48 -0.52
N ARG D 150 -14.59 28.86 -1.33
CA ARG D 150 -14.74 30.04 -2.18
C ARG D 150 -15.26 29.71 -3.57
N GLN D 151 -15.54 28.43 -3.81
CA GLN D 151 -16.03 27.99 -5.12
C GLN D 151 -17.56 28.06 -5.14
N SER D 159 -20.05 23.42 -16.36
CA SER D 159 -19.15 23.82 -15.30
C SER D 159 -17.72 23.99 -15.82
N ARG D 160 -16.77 23.99 -14.89
CA ARG D 160 -15.36 24.13 -15.22
C ARG D 160 -14.58 22.88 -14.78
N ASN D 161 -13.28 23.03 -14.55
CA ASN D 161 -12.43 21.90 -14.17
C ASN D 161 -11.57 22.23 -12.95
N LEU D 162 -12.18 22.18 -11.78
CA LEU D 162 -11.49 22.50 -10.53
C LEU D 162 -10.70 21.31 -10.00
N SER D 163 -9.44 21.55 -9.60
CA SER D 163 -8.63 20.48 -9.05
C SER D 163 -7.42 20.95 -8.23
N VAL D 164 -6.92 20.05 -7.40
CA VAL D 164 -5.79 20.34 -6.55
C VAL D 164 -4.75 19.25 -6.79
N VAL D 165 -3.47 19.64 -6.82
CA VAL D 165 -2.42 18.65 -7.00
C VAL D 165 -1.41 18.87 -5.90
N ASN D 166 -1.18 17.84 -5.10
CA ASN D 166 -0.24 17.93 -4.01
C ASN D 166 1.08 17.32 -4.42
N LEU D 167 2.17 17.97 -4.06
CA LEU D 167 3.49 17.45 -4.36
C LEU D 167 3.93 16.57 -3.21
N CYS D 168 4.00 15.27 -3.48
CA CYS D 168 4.42 14.29 -2.50
C CYS D 168 5.86 13.88 -2.74
N ASP D 169 6.23 12.73 -2.16
CA ASP D 169 7.59 12.17 -2.24
C ASP D 169 7.47 10.65 -2.30
N ALA D 170 7.69 10.08 -3.48
CA ALA D 170 7.61 8.64 -3.68
C ALA D 170 8.50 7.82 -2.75
N MET D 171 9.60 8.42 -2.27
CA MET D 171 10.53 7.70 -1.41
C MET D 171 10.21 7.68 0.10
N THR D 172 9.09 8.28 0.50
CA THR D 172 8.76 8.31 1.92
C THR D 172 8.34 6.95 2.52
N ASP D 173 8.14 5.96 1.67
CA ASP D 173 7.82 4.63 2.16
C ASP D 173 9.12 3.96 2.61
N LEU D 174 10.24 4.56 2.20
CA LEU D 174 11.56 4.16 2.54
C LEU D 174 12.14 5.33 3.24
N PRO D 175 11.74 5.60 4.49
CA PRO D 175 12.16 6.77 5.26
C PRO D 175 13.65 7.02 5.33
N LEU D 176 14.09 8.14 4.76
CA LEU D 176 15.50 8.51 4.79
C LEU D 176 15.83 8.79 6.26
N PRO D 177 16.80 8.04 6.82
CA PRO D 177 17.21 8.22 8.22
C PRO D 177 17.48 9.67 8.57
N GLY D 178 17.00 10.09 9.74
CA GLY D 178 17.20 11.47 10.16
C GLY D 178 16.18 12.48 9.64
N PHE D 179 15.22 12.05 8.82
CA PHE D 179 14.22 12.98 8.28
C PHE D 179 12.80 12.68 8.75
N CYS D 180 12.70 12.14 9.96
CA CYS D 180 11.43 11.76 10.55
C CYS D 180 10.28 12.77 10.47
N VAL D 181 10.51 14.00 10.89
CA VAL D 181 9.45 14.99 10.86
C VAL D 181 8.96 15.29 9.44
N TYR D 182 9.89 15.38 8.49
CA TYR D 182 9.54 15.64 7.08
C TYR D 182 8.73 14.47 6.56
N THR D 183 9.18 13.26 6.88
CA THR D 183 8.51 12.04 6.46
C THR D 183 7.09 11.99 7.00
N MET D 184 6.91 12.35 8.26
CA MET D 184 5.59 12.39 8.87
C MET D 184 4.69 13.34 8.13
N ALA D 185 5.22 14.53 7.86
CA ALA D 185 4.46 15.56 7.16
C ALA D 185 3.99 15.09 5.79
N LYS D 186 4.90 14.52 5.00
CA LYS D 186 4.52 14.05 3.69
C LYS D 186 3.45 12.94 3.81
N HIS D 187 3.53 12.10 4.85
CA HIS D 187 2.50 11.08 5.02
C HIS D 187 1.16 11.76 5.32
N ALA D 188 1.20 12.81 6.13
CA ALA D 188 0.00 13.56 6.46
C ALA D 188 -0.56 14.17 5.16
N LEU D 189 0.32 14.65 4.28
CA LEU D 189 -0.12 15.22 3.00
C LEU D 189 -0.81 14.15 2.15
N GLY D 190 -0.26 12.94 2.20
CA GLY D 190 -0.84 11.83 1.47
C GLY D 190 -2.26 11.60 1.97
N GLY D 191 -2.41 11.51 3.29
CA GLY D 191 -3.72 11.33 3.88
C GLY D 191 -4.68 12.46 3.49
N LEU D 192 -4.16 13.68 3.41
CA LEU D 192 -5.02 14.81 3.03
C LEU D 192 -5.47 14.68 1.57
N THR D 193 -4.62 14.13 0.72
CA THR D 193 -4.95 13.98 -0.69
C THR D 193 -6.19 13.08 -0.88
N ARG D 194 -6.24 12.00 -0.10
CA ARG D 194 -7.34 11.07 -0.18
C ARG D 194 -8.58 11.53 0.57
N ALA D 195 -8.40 12.07 1.78
CA ALA D 195 -9.54 12.56 2.55
C ALA D 195 -10.26 13.68 1.81
N ALA D 196 -9.50 14.62 1.28
CA ALA D 196 -10.10 15.74 0.57
C ALA D 196 -10.71 15.27 -0.75
N ALA D 197 -10.05 14.36 -1.44
CA ALA D 197 -10.57 13.85 -2.72
C ALA D 197 -11.97 13.27 -2.51
N LEU D 198 -12.14 12.45 -1.47
CA LEU D 198 -13.45 11.89 -1.19
C LEU D 198 -14.47 12.95 -0.75
N GLU D 199 -14.10 13.76 0.24
CA GLU D 199 -15.02 14.76 0.75
C GLU D 199 -15.45 15.85 -0.24
N LEU D 200 -14.58 16.16 -1.21
CA LEU D 200 -14.86 17.19 -2.21
C LEU D 200 -15.40 16.66 -3.54
N ALA D 201 -15.48 15.34 -3.70
CA ALA D 201 -15.98 14.77 -4.94
C ALA D 201 -17.36 15.37 -5.27
N PRO D 202 -18.26 15.49 -4.26
CA PRO D 202 -19.60 16.05 -4.44
C PRO D 202 -19.56 17.49 -4.95
N ARG D 203 -18.45 18.18 -4.71
CA ARG D 203 -18.30 19.58 -5.13
C ARG D 203 -17.56 19.69 -6.45
N HIS D 204 -17.35 18.56 -7.11
CA HIS D 204 -16.66 18.52 -8.40
C HIS D 204 -15.22 18.97 -8.37
N ILE D 205 -14.59 18.90 -7.21
CA ILE D 205 -13.19 19.30 -7.09
C ILE D 205 -12.34 18.05 -6.96
N ARG D 206 -11.48 17.80 -7.94
CA ARG D 206 -10.62 16.63 -7.88
C ARG D 206 -9.41 17.01 -7.05
N VAL D 207 -8.84 16.03 -6.35
CA VAL D 207 -7.68 16.22 -5.49
C VAL D 207 -6.69 15.08 -5.72
N ASN D 208 -5.57 15.38 -6.36
CA ASN D 208 -4.56 14.37 -6.66
C ASN D 208 -3.17 14.78 -6.21
N ALA D 209 -2.19 13.91 -6.43
CA ALA D 209 -0.82 14.18 -6.02
C ALA D 209 0.18 13.66 -7.02
N VAL D 210 1.34 14.30 -7.08
CA VAL D 210 2.41 13.86 -7.96
C VAL D 210 3.54 13.57 -6.98
N ALA D 211 4.11 12.39 -7.06
CA ALA D 211 5.18 12.02 -6.14
C ALA D 211 6.47 11.75 -6.86
N PRO D 212 7.36 12.74 -6.88
CA PRO D 212 8.64 12.53 -7.56
C PRO D 212 9.51 11.63 -6.70
N GLY D 213 10.48 11.00 -7.34
CA GLY D 213 11.43 10.21 -6.64
C GLY D 213 12.61 11.09 -6.49
N LEU D 214 13.60 10.92 -7.35
CA LEU D 214 14.78 11.77 -7.35
C LEU D 214 14.61 12.81 -8.44
N SER D 215 14.53 14.07 -8.03
CA SER D 215 14.40 15.15 -9.00
C SER D 215 15.50 16.20 -8.70
N LEU D 216 15.24 17.48 -8.96
CA LEU D 216 16.27 18.50 -8.74
C LEU D 216 17.07 18.35 -7.44
N LEU D 217 18.38 18.14 -7.58
CA LEU D 217 19.27 17.99 -6.44
C LEU D 217 19.60 19.34 -5.82
N PRO D 218 20.14 19.35 -4.59
CA PRO D 218 20.49 20.60 -3.93
C PRO D 218 21.62 21.23 -4.74
N PRO D 219 21.47 22.51 -5.12
CA PRO D 219 22.48 23.20 -5.90
C PRO D 219 23.89 23.21 -5.27
N ALA D 220 23.96 23.21 -3.94
CA ALA D 220 25.26 23.22 -3.26
C ALA D 220 25.94 21.84 -3.18
N MET D 221 25.19 20.78 -3.48
CA MET D 221 25.74 19.42 -3.43
C MET D 221 26.84 19.17 -4.46
N PRO D 222 27.99 18.65 -4.00
CA PRO D 222 29.13 18.36 -4.88
C PRO D 222 28.73 17.44 -6.02
N GLN D 223 29.27 17.69 -7.20
CA GLN D 223 28.95 16.88 -8.37
C GLN D 223 29.16 15.39 -8.19
N GLU D 224 30.22 15.02 -7.48
CA GLU D 224 30.49 13.61 -7.23
C GLU D 224 29.27 13.01 -6.56
N THR D 225 28.78 13.70 -5.53
CA THR D 225 27.62 13.26 -4.79
C THR D 225 26.37 13.20 -5.66
N GLN D 226 26.15 14.26 -6.42
CA GLN D 226 24.96 14.32 -7.29
C GLN D 226 24.96 13.10 -8.20
N GLU D 227 26.14 12.79 -8.75
CA GLU D 227 26.30 11.66 -9.66
C GLU D 227 25.99 10.32 -8.97
N GLU D 228 26.43 10.17 -7.72
CA GLU D 228 26.18 8.96 -6.96
C GLU D 228 24.67 8.73 -6.84
N TYR D 229 23.91 9.82 -6.69
CA TYR D 229 22.46 9.76 -6.58
C TYR D 229 21.80 9.46 -7.93
N ARG D 230 22.28 10.09 -9.00
CA ARG D 230 21.74 9.88 -10.34
C ARG D 230 21.86 8.43 -10.80
N ARG D 231 23.00 7.81 -10.50
CA ARG D 231 23.24 6.43 -10.91
C ARG D 231 22.26 5.43 -10.29
N LYS D 232 21.67 5.80 -9.17
CA LYS D 232 20.72 4.91 -8.49
C LYS D 232 19.40 4.77 -9.22
N VAL D 233 19.10 5.70 -10.12
CA VAL D 233 17.84 5.62 -10.85
C VAL D 233 17.88 4.56 -11.95
N PRO D 234 17.01 3.54 -11.83
CA PRO D 234 16.92 2.44 -12.79
C PRO D 234 16.68 2.89 -14.22
N LEU D 235 15.85 3.91 -14.39
CA LEU D 235 15.53 4.40 -15.73
C LEU D 235 16.34 5.61 -16.15
N GLY D 236 17.46 5.36 -16.85
CA GLY D 236 18.29 6.45 -17.35
C GLY D 236 19.39 7.02 -16.44
N GLN D 237 19.52 6.51 -15.23
CA GLN D 237 20.54 7.00 -14.29
C GLN D 237 20.56 8.52 -14.28
N SER D 238 19.38 9.10 -14.06
CA SER D 238 19.26 10.53 -14.03
C SER D 238 18.06 10.91 -13.17
N GLU D 239 18.08 12.12 -12.64
CA GLU D 239 16.98 12.59 -11.82
C GLU D 239 15.92 13.11 -12.77
N ALA D 240 14.70 13.24 -12.28
CA ALA D 240 13.61 13.77 -13.11
C ALA D 240 13.85 15.27 -13.24
N SER D 241 13.67 15.80 -14.43
CA SER D 241 13.84 17.23 -14.62
C SER D 241 12.58 17.90 -14.11
N ALA D 242 12.65 19.20 -13.87
CA ALA D 242 11.49 19.92 -13.38
C ALA D 242 10.36 19.81 -14.40
N ALA D 243 10.73 19.80 -15.68
CA ALA D 243 9.75 19.73 -16.76
C ALA D 243 8.98 18.39 -16.79
N GLN D 244 9.67 17.30 -16.45
CA GLN D 244 9.03 15.99 -16.42
C GLN D 244 8.04 15.95 -15.24
N ILE D 245 8.36 16.64 -14.16
CA ILE D 245 7.47 16.67 -13.00
C ILE D 245 6.26 17.50 -13.41
N ALA D 246 6.50 18.62 -14.10
CA ALA D 246 5.42 19.49 -14.56
C ALA D 246 4.56 18.79 -15.61
N ASP D 247 5.13 17.85 -16.35
CA ASP D 247 4.34 17.09 -17.33
C ASP D 247 3.21 16.37 -16.61
N ALA D 248 3.55 15.67 -15.53
CA ALA D 248 2.58 14.91 -14.71
C ALA D 248 1.50 15.81 -14.10
N ILE D 249 1.92 16.98 -13.63
CA ILE D 249 1.01 17.94 -13.02
C ILE D 249 0.03 18.50 -14.06
N ALA D 250 0.54 18.81 -15.23
CA ALA D 250 -0.30 19.35 -16.29
C ALA D 250 -1.39 18.33 -16.61
N PHE D 251 -1.01 17.06 -16.71
CA PHE D 251 -1.98 16.01 -17.01
C PHE D 251 -3.08 15.86 -15.97
N LEU D 252 -2.73 15.91 -14.69
CA LEU D 252 -3.76 15.76 -13.65
C LEU D 252 -4.74 16.92 -13.60
N VAL D 253 -4.31 18.11 -13.99
CA VAL D 253 -5.24 19.25 -13.98
C VAL D 253 -6.01 19.32 -15.31
N SER D 254 -5.51 18.64 -16.33
CA SER D 254 -6.16 18.66 -17.64
C SER D 254 -7.47 17.88 -17.68
N LYS D 255 -8.18 18.03 -18.78
CA LYS D 255 -9.46 17.38 -19.03
C LYS D 255 -9.26 15.88 -19.15
N ASP D 256 -8.06 15.49 -19.55
CA ASP D 256 -7.72 14.08 -19.73
C ASP D 256 -7.65 13.29 -18.41
N ALA D 257 -7.78 13.99 -17.29
CA ALA D 257 -7.75 13.37 -15.96
C ALA D 257 -9.04 13.69 -15.24
N GLY D 258 -10.08 14.02 -16.00
CA GLY D 258 -11.38 14.37 -15.44
C GLY D 258 -12.09 13.36 -14.54
N TYR D 259 -11.67 12.11 -14.58
CA TYR D 259 -12.30 11.08 -13.74
C TYR D 259 -11.33 10.69 -12.64
N ILE D 260 -10.15 11.30 -12.67
CA ILE D 260 -9.11 11.01 -11.69
C ILE D 260 -9.13 11.90 -10.46
N THR D 261 -9.34 11.27 -9.30
CA THR D 261 -9.31 11.98 -8.03
C THR D 261 -8.88 11.01 -6.93
N GLY D 262 -8.08 11.49 -5.99
CA GLY D 262 -7.63 10.63 -4.93
C GLY D 262 -6.41 9.80 -5.31
N THR D 263 -5.87 10.00 -6.52
CA THR D 263 -4.71 9.22 -6.91
C THR D 263 -3.39 9.98 -6.85
N THR D 264 -2.36 9.25 -6.45
CA THR D 264 -1.01 9.79 -6.32
C THR D 264 -0.22 9.20 -7.48
N LEU D 265 0.20 10.06 -8.40
CA LEU D 265 0.96 9.68 -9.58
C LEU D 265 2.47 9.69 -9.34
N LYS D 266 3.06 8.49 -9.27
CA LYS D 266 4.49 8.34 -9.04
C LYS D 266 5.31 8.60 -10.32
N VAL D 267 6.36 9.40 -10.18
CA VAL D 267 7.26 9.73 -11.27
C VAL D 267 8.65 9.57 -10.67
N ASP D 268 9.12 8.33 -10.62
CA ASP D 268 10.40 8.02 -10.00
C ASP D 268 11.40 7.23 -10.84
N GLY D 269 11.11 7.03 -12.12
CA GLY D 269 12.05 6.28 -12.95
C GLY D 269 12.40 4.94 -12.35
N GLY D 270 11.46 4.38 -11.59
CA GLY D 270 11.63 3.06 -10.98
C GLY D 270 12.51 3.01 -9.75
N LEU D 271 12.85 4.18 -9.21
CA LEU D 271 13.73 4.29 -8.04
C LEU D 271 13.20 3.56 -6.80
N ILE D 272 11.92 3.70 -6.51
CA ILE D 272 11.32 3.07 -5.33
C ILE D 272 11.31 1.54 -5.39
N LEU D 273 11.53 0.97 -6.58
CA LEU D 273 11.54 -0.49 -6.76
C LEU D 273 12.88 -1.16 -6.46
N ALA D 274 13.94 -0.38 -6.31
CA ALA D 274 15.28 -0.95 -6.08
C ALA D 274 15.56 -1.33 -4.62
N ARG D 275 16.28 -2.43 -4.43
CA ARG D 275 16.62 -2.91 -3.09
C ARG D 275 17.99 -2.41 -2.67
N ALA D 276 18.21 -2.33 -1.37
CA ALA D 276 19.49 -1.89 -0.83
C ALA D 276 20.52 -3.01 -0.98
PA NAP E . 12.16 -23.45 1.14
O1A NAP E . 12.34 -23.00 -0.18
O2A NAP E . 13.24 -23.91 2.08
O5B NAP E . 11.10 -24.63 1.20
C5B NAP E . 9.98 -24.68 0.32
C4B NAP E . 9.52 -26.13 0.63
O4B NAP E . 8.31 -26.39 -0.19
C3B NAP E . 10.52 -27.25 0.22
O3B NAP E . 10.95 -27.87 1.43
C2B NAP E . 9.78 -28.21 -0.69
O2B NAP E . 9.55 -29.50 -0.15
C1B NAP E . 8.40 -27.54 -1.00
N9A NAP E . 8.27 -27.29 -2.41
C8A NAP E . 9.01 -26.53 -3.29
N7A NAP E . 8.56 -26.55 -4.53
C5A NAP E . 7.44 -27.38 -4.45
C6A NAP E . 6.55 -27.79 -5.45
N6A NAP E . 6.57 -27.45 -6.75
N1A NAP E . 5.50 -28.65 -5.05
C2A NAP E . 5.37 -29.07 -3.72
N3A NAP E . 6.25 -28.68 -2.72
C4A NAP E . 7.27 -27.83 -3.13
O3 NAP E . 11.39 -22.33 1.95
PN NAP E . 11.81 -21.53 3.22
O1N NAP E . 13.08 -20.84 2.97
O2N NAP E . 11.80 -22.49 4.34
O5D NAP E . 10.68 -20.39 3.33
C5D NAP E . 9.34 -20.72 3.82
C4D NAP E . 8.37 -19.72 3.23
O4D NAP E . 8.79 -18.36 3.54
C3D NAP E . 8.21 -19.75 1.69
O3D NAP E . 6.83 -19.71 1.30
C2D NAP E . 9.00 -18.54 1.21
O2D NAP E . 8.52 -17.98 0.01
C1D NAP E . 8.90 -17.57 2.31
N1N NAP E . 10.09 -16.73 2.54
C2N NAP E . 11.37 -17.22 2.90
C3N NAP E . 12.41 -16.31 3.09
C7N NAP E . 13.80 -16.85 3.46
O7N NAP E . 14.67 -16.01 3.62
N7N NAP E . 14.03 -18.13 3.59
C4N NAP E . 12.19 -14.87 2.94
C5N NAP E . 10.88 -14.41 2.59
C6N NAP E . 9.81 -15.34 2.39
P2B NAP E . 10.58 -30.74 -0.33
O1X NAP E . 11.86 -30.36 0.45
O2X NAP E . 9.80 -31.84 0.30
O3X NAP E . 10.85 -30.87 -1.82
N1 DHF F . 11.17 -18.38 -1.08
C2 DHF F . 11.44 -19.70 -0.94
NA2 DHF F . 10.69 -20.58 -1.20
N3 DHF F . 12.76 -20.09 -0.42
C4 DHF F . 13.75 -19.16 -0.06
O4 DHF F . 14.85 -19.55 0.37
C4A DHF F . 13.44 -17.71 -0.23
N5 DHF F . 14.44 -16.67 0.14
C6 DHF F . 14.06 -15.33 -0.04
C7 DHF F . 12.75 -15.17 -0.57
N8 DHF F . 11.80 -16.16 -0.91
C8A DHF F . 12.19 -17.38 -0.72
C9 DHF F . 15.01 -14.26 0.29
N10 DHF F . 16.42 -14.83 0.35
C11 DHF F . 19.42 -15.65 -2.92
C12 DHF F . 19.67 -15.94 -1.49
C13 DHF F . 18.60 -15.63 -0.42
C14 DHF F . 17.25 -15.01 -0.73
C15 DHF F . 16.95 -14.69 -2.03
C16 DHF F . 18.01 -14.98 -3.21
C DHF F . 20.30 -15.87 -4.09
O DHF F . 21.34 -15.31 -4.58
N DHF F . 19.90 -16.83 -4.71
CA DHF F . 20.44 -17.45 -5.94
CB DHF F . 20.37 -18.96 -5.79
CG DHF F . 19.01 -19.53 -5.17
CT DHF F . 19.64 -16.92 -7.23
O1 DHF F . 18.58 -17.52 -7.69
O2 DHF F . 20.12 -15.90 -7.73
PA NAP G . -14.09 -6.92 -21.22
O1A NAP G . -14.30 -7.97 -20.30
O2A NAP G . -15.17 -6.17 -21.96
O5B NAP G . -13.13 -7.39 -22.38
C5B NAP G . -12.08 -8.34 -22.14
C4B NAP G . -11.69 -8.61 -23.61
O4B NAP G . -10.58 -9.58 -23.62
C3B NAP G . -12.81 -9.25 -24.46
O3B NAP G . -13.14 -8.29 -25.45
C2B NAP G . -12.24 -10.54 -25.03
O2B NAP G . -12.13 -10.58 -26.45
C1B NAP G . -10.83 -10.72 -24.39
N9A NAP G . -10.79 -11.96 -23.64
C8A NAP G . -11.55 -12.41 -22.57
N7A NAP G . -11.21 -13.61 -22.14
C5A NAP G . -10.16 -13.96 -22.98
C6A NAP G . -9.38 -15.14 -23.02
N6A NAP G . -9.49 -16.22 -22.22
N1A NAP G . -8.38 -15.20 -24.00
C2A NAP G . -8.17 -14.14 -24.90
N3A NAP G . -8.92 -12.98 -24.88
C4A NAP G . -9.90 -12.93 -23.91
O3 NAP G . -13.20 -5.82 -20.55
PN NAP G . -13.47 -4.30 -20.32
O1N NAP G . -14.70 -4.14 -19.55
O2N NAP G . -13.43 -3.69 -21.66
O5D NAP G . -12.23 -3.89 -19.40
C5D NAP G . -10.90 -3.71 -20.00
C4D NAP G . -9.84 -3.92 -18.92
O4D NAP G . -10.13 -3.06 -17.79
C3D NAP G . -9.77 -5.36 -18.34
O3D NAP G . -8.41 -5.80 -18.18
C2D NAP G . -10.51 -5.25 -17.02
O2D NAP G . -10.09 -6.20 -16.05
C1D NAP G . -10.24 -3.86 -16.57
N1N NAP G . -11.33 -3.20 -15.81
C2N NAP G . -12.62 -2.95 -16.33
C3N NAP G . -13.56 -2.34 -15.49
C7N NAP G . -14.96 -2.06 -16.03
O7N NAP G . -15.74 -1.53 -15.26
N7N NAP G . -15.30 -2.37 -17.26
C4N NAP G . -13.23 -1.98 -14.11
C5N NAP G . -11.92 -2.26 -13.63
C6N NAP G . -10.94 -2.87 -14.47
P2B NAP G . -13.34 -11.06 -27.44
O1X NAP G . -14.52 -10.11 -27.19
O2X NAP G . -12.68 -10.88 -28.76
O3X NAP G . -13.68 -12.47 -27.04
N1 DHF H . -12.88 -7.13 -15.68
C2 DHF H . -13.21 -7.44 -16.95
NA2 DHF H . -12.53 -8.08 -17.68
N3 DHF H . -14.51 -6.97 -17.48
C4 DHF H . -15.41 -6.18 -16.72
O4 DHF H . -16.49 -5.81 -17.23
C4A DHF H . -15.02 -5.85 -15.30
N5 DHF H . -15.91 -5.02 -14.43
C6 DHF H . -15.45 -4.76 -13.13
C7 DHF H . -14.17 -5.33 -12.83
N8 DHF H . -13.34 -6.09 -13.66
C8A DHF H . -13.79 -6.32 -14.85
C9 DHF H . -16.27 -3.96 -12.20
N10 DHF H . -17.73 -3.93 -12.66
C11 DHF H . -21.06 -6.94 -12.19
C12 DHF H . -21.23 -5.65 -12.91
C13 DHF H . -20.05 -4.65 -13.03
C14 DHF H . -18.66 -4.91 -12.44
C15 DHF H . -18.43 -6.08 -11.76
C16 DHF H . -19.60 -7.17 -11.59
C DHF H . -22.03 -8.04 -11.98
O DHF H . -23.15 -8.16 -11.37
N DHF H . -21.64 -9.03 -12.51
CA DHF H . -22.27 -10.38 -12.59
CB DHF H . -22.25 -10.83 -14.04
CG DHF H . -20.89 -10.50 -14.85
CT DHF H . -21.49 -11.40 -11.64
O1 DHF H . -20.58 -12.22 -12.07
O2 DHF H . -21.83 -11.35 -10.46
PA NAP I . -10.52 7.33 23.05
O1A NAP I . -10.90 8.17 22.00
O2A NAP I . -11.46 6.66 24.01
O5B NAP I . -9.52 8.02 24.04
C5B NAP I . -8.36 8.72 23.64
C4B NAP I . -7.88 9.05 25.07
O4B NAP I . -6.62 9.81 24.94
C3B NAP I . -8.82 9.99 25.90
O3B NAP I . -9.44 9.16 26.88
C2B NAP I . -7.93 11.06 26.49
O2B NAP I . -7.60 10.92 27.87
C1B NAP I . -6.63 11.03 25.64
N9A NAP I . -6.59 12.21 24.82
C8A NAP I . -7.35 12.64 23.75
N7A NAP I . -6.98 13.82 23.28
C5A NAP I . -5.90 14.17 24.11
C6A NAP I . -5.08 15.31 24.09
N6A NAP I . -5.16 16.36 23.26
N1A NAP I . -4.06 15.37 25.06
C2A NAP I . -3.88 14.33 26.00
N3A NAP I . -4.66 13.20 26.02
C4A NAP I . -5.66 13.17 25.06
O3 NAP I . -9.62 6.16 22.52
PN NAP I . -10.00 4.69 22.20
O1N NAP I . -11.31 4.66 21.54
O2N NAP I . -9.87 3.94 23.48
O5D NAP I . -8.92 4.21 21.11
C5D NAP I . -7.55 3.87 21.49
C4D NAP I . -6.67 4.03 20.25
O4D NAP I . -7.16 3.17 19.19
C3D NAP I . -6.63 5.45 19.67
O3D NAP I . -5.30 5.85 19.28
C2D NAP I . -7.59 5.38 18.49
O2D NAP I . -7.37 6.33 17.47
C1D NAP I . -7.41 3.99 18.00
N1N NAP I . -8.63 3.42 17.38
C2N NAP I . -9.84 3.22 18.08
C3N NAP I . -10.92 2.69 17.39
C7N NAP I . -12.24 2.47 18.13
O7N NAP I . -13.14 1.99 17.49
N7N NAP I . -12.37 2.79 19.39
C4N NAP I . -10.81 2.32 15.96
C5N NAP I . -9.57 2.55 15.31
C6N NAP I . -8.46 3.10 16.00
P2B NAP I . -8.47 11.57 29.09
O1X NAP I . -9.82 10.86 29.02
O2X NAP I . -7.63 11.20 30.25
O3X NAP I . -8.60 13.04 28.80
N1 DHF J . -10.08 7.25 17.52
C2 DHF J . -10.26 7.60 18.81
NA2 DHF J . -9.48 8.19 19.49
N3 DHF J . -11.53 7.20 19.46
C4 DHF J . -12.54 6.50 18.80
O4 DHF J . -13.58 6.21 19.41
C4A DHF J . -12.32 6.12 17.37
N5 DHF J . -13.35 5.35 16.62
C6 DHF J . -13.06 5.04 15.29
C7 DHF J . -11.79 5.51 14.86
N8 DHF J . -10.82 6.23 15.58
C8A DHF J . -11.12 6.51 16.80
C9 DHF J . -14.04 4.28 14.48
N10 DHF J . -15.40 4.27 15.18
C11 DHF J . -18.67 7.38 15.10
C12 DHF J . -18.76 6.12 15.88
C13 DHF J . -17.61 5.08 15.86
C14 DHF J . -16.33 5.27 15.06
C15 DHF J . -16.19 6.41 14.30
C16 DHF J . -17.33 7.54 14.27
C DHF J . -19.65 8.51 15.01
O DHF J . -20.81 8.66 14.49
N DHF J . -19.21 9.47 15.56
CA DHF J . -19.83 10.82 15.73
CB DHF J . -19.63 11.27 17.18
CG DHF J . -18.14 11.14 17.74
CT DHF J . -19.22 11.86 14.68
O1 DHF J . -18.20 12.61 14.94
O2 DHF J . -19.81 11.88 13.60
PA NAP K . 12.40 23.14 -2.71
O1A NAP K . 12.84 22.54 -1.51
O2A NAP K . 13.31 23.63 -3.80
O5B NAP K . 11.51 24.40 -2.45
C5B NAP K . 10.35 24.40 -1.64
C4B NAP K . 10.00 25.90 -1.83
O4B NAP K . 8.76 26.18 -1.08
C3B NAP K . 11.03 26.91 -1.26
O3B NAP K . 11.74 27.46 -2.37
C2B NAP K . 10.23 27.94 -0.50
O2B NAP K . 10.03 29.16 -1.18
C1B NAP K . 8.87 27.27 -0.19
N9A NAP K . 8.86 26.98 1.24
C8A NAP K . 9.59 26.11 2.03
N7A NAP K . 9.28 26.20 3.32
C5A NAP K . 8.30 27.18 3.35
C6A NAP K . 7.57 27.72 4.44
N6A NAP K . 7.70 27.40 5.75
N1A NAP K . 6.63 28.72 4.14
C2A NAP K . 6.42 29.15 2.82
N3A NAP K . 7.11 28.64 1.74
C4A NAP K . 8.04 27.66 2.06
O3 NAP K . 11.40 22.18 -3.48
PN NAP K . 11.61 21.34 -4.78
O1N NAP K . 12.89 20.63 -4.71
O2N NAP K . 11.45 22.28 -5.91
O5D NAP K . 10.45 20.22 -4.72
C5D NAP K . 9.06 20.50 -5.17
C4D NAP K . 8.12 19.53 -4.43
O4D NAP K . 8.45 18.16 -4.82
C3D NAP K . 8.26 19.55 -2.87
O3D NAP K . 6.98 19.49 -2.21
C2D NAP K . 9.12 18.37 -2.57
O2D NAP K . 8.99 17.82 -1.28
C1D NAP K . 8.77 17.38 -3.62
N1N NAP K . 9.88 16.53 -4.06
C2N NAP K . 11.13 17.04 -4.54
C3N NAP K . 12.11 16.14 -4.91
C7N NAP K . 13.46 16.67 -5.44
O7N NAP K . 14.28 15.83 -5.75
N7N NAP K . 13.69 17.96 -5.55
C4N NAP K . 11.89 14.70 -4.79
C5N NAP K . 10.63 14.24 -4.30
C6N NAP K . 9.62 15.15 -3.92
P2B NAP K . 11.01 30.44 -0.99
O1X NAP K . 12.30 30.10 -1.74
O2X NAP K . 10.18 31.50 -1.64
O3X NAP K . 11.27 30.61 0.49
N1 DHF L . 11.69 18.10 -0.69
C2 DHF L . 11.99 19.41 -0.85
NA2 DHF L . 11.31 20.30 -0.49
N3 DHF L . 13.26 19.76 -1.48
C4 DHF L . 14.18 18.82 -1.94
O4 DHF L . 15.22 19.21 -2.47
C4A DHF L . 13.83 17.37 -1.78
N5 DHF L . 14.75 16.31 -2.27
C6 DHF L . 14.34 14.98 -2.08
C7 DHF L . 13.08 14.86 -1.42
N8 DHF L . 12.21 15.87 -0.97
C8A DHF L . 12.63 17.07 -1.17
C9 DHF L . 15.20 13.87 -2.54
N10 DHF L . 16.60 14.38 -2.86
C11 DHF L . 20.08 15.10 -0.10
C12 DHF L . 20.13 15.36 -1.56
C13 DHF L . 18.90 15.08 -2.46
C14 DHF L . 17.59 14.54 -1.93
C15 DHF L . 17.48 14.26 -0.59
C16 DHF L . 18.70 14.52 0.41
C DHF L . 21.11 15.31 0.94
O DHF L . 22.16 14.71 1.30
N DHF L . 20.84 16.30 1.56
CA DHF L . 21.58 16.91 2.70
CB DHF L . 21.50 18.43 2.55
CG DHF L . 20.06 19.00 2.12
CT DHF L . 20.97 16.40 4.09
O1 DHF L . 20.09 17.07 4.77
O2 DHF L . 21.40 15.29 4.44
#